data_1E4X
#
_entry.id   1E4X
#
_cell.length_a   173.820
_cell.length_b   45.090
_cell.length_c   120.410
_cell.angle_alpha   90.00
_cell.angle_beta   99.13
_cell.angle_gamma   90.00
#
_symmetry.space_group_name_H-M   'C 1 2 1'
#
loop_
_entity.id
_entity.type
_entity.pdbx_description
1 polymer TAB2
2 polymer TAB2
3 polymer TAB2
4 polymer 'CYCLIC PEPTIDE'
5 water water
#
loop_
_entity_poly.entity_id
_entity_poly.type
_entity_poly.pdbx_seq_one_letter_code
_entity_poly.pdbx_strand_id
1 'polypeptide(L)'
;QVQLQQPGAELVKPGASVKLSCKASGFTFTNYWMHWVKQRPGQGLEWIGEILPSNGRTNYNEKFKTKATLTVDKSSNTAY
MQLSSLTSEDSAVYYCARSPSDYWGQGTTLTVSSAKTTAPSVYPLAPVCGDTTGSSVTLGCLVKGYFPEPVTLTWNSGSL
SSGVHTFPAVLQSDLYTLSSSVTVTSSTWPSQSITCNVAHPASSTKVDKKIEPRVPI
;
H
2 'polypeptide(L)'
;QVQLQQPGAELVKPGPSVKLSCKASGFTFTNYWMHWVKQRPGQGLEWIGEILPSNGRTNYNEKFKTKATLTVDKSSNTAY
MQLSSLTSEDSAVYYCARSPSDYWGQGTTLTVSSAKTTAPSVYPLAPVCGDTTGSSVTLGCLVKGYFPEPVTLTWNSGSL
SSGVHTFPAVLQSDLYTLSSSVTVTSSTWPSQSITCNVAHPASSTKVDKKIEPRVPI
;
I
3 'polypeptide(L)'
;DIQMTQTPSSLSASLGDRVTISCRASQDISHYLNWFQQKPDGTVKLLIYYTSTLHSGVPSRFSGSGSGTDYSLTISNLEE
EDIAFYFCQQGGALPFTFGSGTKLAIKRADAAPTVSIFPPSSEQLTSGGASVVCFLNNFYPKDINVKWKIDGSERQNGVL
DSWTDQDSKDSTYSMSSTLTLTKDEYERHNSYTCEATHKTSTSPIVKSFNRNEC
;
L,M
4 'polypeptide(L)' VVSHFND P,Q
#
# COMPACT_ATOMS: atom_id res chain seq x y z
N GLN A 1 -10.50 7.85 20.31
CA GLN A 1 -11.33 8.24 21.46
C GLN A 1 -12.78 8.66 21.23
N VAL A 2 -13.12 9.92 21.06
CA VAL A 2 -14.55 10.25 20.83
C VAL A 2 -15.01 9.52 19.57
N GLN A 3 -15.98 8.61 19.70
CA GLN A 3 -16.45 7.90 18.53
C GLN A 3 -17.97 7.74 18.54
N LEU A 4 -18.49 7.72 17.31
CA LEU A 4 -19.90 7.50 17.07
C LEU A 4 -19.98 6.28 16.15
N GLN A 5 -20.55 5.18 16.65
CA GLN A 5 -20.57 3.93 15.96
C GLN A 5 -21.90 3.68 15.25
N GLN A 6 -21.83 3.59 13.94
CA GLN A 6 -23.03 3.36 13.13
C GLN A 6 -22.85 2.10 12.32
N PRO A 7 -23.91 1.35 12.08
CA PRO A 7 -23.82 0.15 11.23
C PRO A 7 -23.43 0.55 9.81
N GLY A 8 -22.74 -0.29 9.04
CA GLY A 8 -22.31 0.04 7.69
C GLY A 8 -23.38 0.26 6.65
N ALA A 9 -24.33 -0.70 6.59
CA ALA A 9 -25.38 -0.57 5.60
C ALA A 9 -26.57 -1.48 5.92
N GLU A 10 -27.70 -1.06 5.37
CA GLU A 10 -28.91 -1.85 5.47
C GLU A 10 -29.75 -1.63 4.19
N LEU A 11 -30.32 -2.76 3.82
CA LEU A 11 -31.25 -2.87 2.71
C LEU A 11 -32.65 -3.07 3.29
N VAL A 12 -33.59 -2.21 3.01
CA VAL A 12 -34.97 -2.31 3.48
C VAL A 12 -35.88 -2.12 2.26
N LYS A 13 -37.11 -2.57 2.34
CA LYS A 13 -38.11 -2.47 1.28
C LYS A 13 -38.95 -1.24 1.41
N PRO A 14 -39.40 -0.71 0.28
CA PRO A 14 -40.28 0.45 0.27
C PRO A 14 -41.49 0.22 1.16
N GLY A 15 -41.95 1.23 1.88
CA GLY A 15 -43.09 1.05 2.78
C GLY A 15 -42.69 0.57 4.18
N ALA A 16 -41.57 -0.08 4.36
CA ALA A 16 -41.15 -0.50 5.70
C ALA A 16 -40.55 0.73 6.40
N SER A 17 -40.12 0.47 7.62
CA SER A 17 -39.46 1.52 8.41
C SER A 17 -38.10 0.96 8.83
N VAL A 18 -37.21 1.85 9.24
CA VAL A 18 -35.87 1.53 9.63
C VAL A 18 -35.45 2.32 10.84
N LYS A 19 -34.72 1.72 11.78
CA LYS A 19 -34.32 2.53 12.95
C LYS A 19 -32.79 2.45 12.98
N LEU A 20 -32.18 3.56 12.61
CA LEU A 20 -30.74 3.63 12.50
C LEU A 20 -30.06 3.89 13.83
N SER A 21 -29.02 3.17 14.17
CA SER A 21 -28.40 3.46 15.48
C SER A 21 -27.08 4.21 15.39
N CYS A 22 -26.79 4.95 16.45
CA CYS A 22 -25.59 5.78 16.58
C CYS A 22 -25.06 5.65 18.00
N LYS A 23 -24.14 4.71 18.25
CA LYS A 23 -23.68 4.52 19.63
C LYS A 23 -22.47 5.39 19.94
N ALA A 24 -22.56 6.27 20.93
CA ALA A 24 -21.45 7.12 21.27
C ALA A 24 -20.48 6.42 22.24
N SER A 25 -19.20 6.72 22.08
CA SER A 25 -18.18 6.21 22.99
C SER A 25 -17.02 7.22 23.01
N GLY A 26 -16.38 7.22 24.19
CA GLY A 26 -15.32 8.16 24.48
C GLY A 26 -15.84 9.39 25.14
N PHE A 27 -17.14 9.54 25.40
CA PHE A 27 -17.76 10.69 26.00
C PHE A 27 -19.19 10.25 26.36
N THR A 28 -19.79 11.03 27.20
CA THR A 28 -21.16 10.79 27.66
C THR A 28 -21.97 11.81 26.88
N PHE A 29 -22.94 11.37 26.16
CA PHE A 29 -23.61 12.29 25.22
C PHE A 29 -24.70 13.16 25.79
N THR A 30 -24.95 13.12 27.11
CA THR A 30 -26.00 13.87 27.77
C THR A 30 -26.17 15.32 27.36
N ASN A 31 -25.09 16.09 27.39
CA ASN A 31 -25.12 17.51 27.08
C ASN A 31 -24.64 17.90 25.69
N TYR A 32 -24.62 16.96 24.73
CA TYR A 32 -24.25 17.26 23.37
C TYR A 32 -25.47 17.08 22.45
N TRP A 33 -25.64 18.00 21.53
CA TRP A 33 -26.69 17.74 20.50
C TRP A 33 -26.24 16.59 19.64
N MET A 34 -27.17 15.68 19.32
CA MET A 34 -26.89 14.53 18.43
C MET A 34 -27.64 14.90 17.15
N HIS A 35 -26.91 15.09 16.04
CA HIS A 35 -27.49 15.53 14.80
C HIS A 35 -27.58 14.35 13.86
N TRP A 36 -28.42 14.53 12.86
CA TRP A 36 -28.56 13.55 11.78
C TRP A 36 -28.53 14.28 10.43
N VAL A 37 -27.87 13.77 9.46
CA VAL A 37 -27.61 14.38 8.15
C VAL A 37 -27.73 13.28 7.08
N LYS A 38 -28.34 13.62 5.96
CA LYS A 38 -28.60 12.75 4.85
C LYS A 38 -27.69 13.11 3.67
N GLN A 39 -27.02 12.14 3.10
CA GLN A 39 -26.16 12.46 1.97
C GLN A 39 -26.53 11.51 0.81
N ARG A 40 -27.03 12.08 -0.28
CA ARG A 40 -27.30 11.26 -1.46
C ARG A 40 -26.58 11.87 -2.65
N PRO A 41 -25.78 11.06 -3.35
CA PRO A 41 -24.90 11.45 -4.42
C PRO A 41 -25.20 12.65 -5.28
N GLY A 42 -26.39 12.80 -5.87
CA GLY A 42 -26.66 13.98 -6.70
C GLY A 42 -26.81 15.16 -5.75
N GLN A 43 -27.98 15.24 -5.15
CA GLN A 43 -28.36 16.21 -4.15
C GLN A 43 -27.22 16.53 -3.18
N GLY A 44 -27.18 17.66 -2.50
CA GLY A 44 -26.04 17.88 -1.60
C GLY A 44 -26.08 17.08 -0.30
N LEU A 45 -25.95 17.79 0.81
CA LEU A 45 -26.03 17.19 2.14
C LEU A 45 -27.27 17.81 2.79
N GLU A 46 -28.12 17.12 3.54
CA GLU A 46 -29.27 17.81 4.13
C GLU A 46 -29.28 17.49 5.65
N TRP A 47 -29.44 18.52 6.42
CA TRP A 47 -29.50 18.33 7.86
C TRP A 47 -30.94 17.86 8.20
N ILE A 48 -31.05 16.74 8.86
CA ILE A 48 -32.39 16.21 9.25
C ILE A 48 -32.85 16.82 10.54
N GLY A 49 -31.97 16.89 11.55
CA GLY A 49 -32.38 17.43 12.85
C GLY A 49 -31.43 16.92 13.92
N GLU A 50 -31.69 17.38 15.13
CA GLU A 50 -30.84 17.06 16.26
C GLU A 50 -31.72 16.81 17.47
N ILE A 51 -31.17 16.01 18.34
CA ILE A 51 -31.81 15.80 19.65
C ILE A 51 -30.83 15.99 20.78
N LEU A 52 -31.26 16.61 21.87
CA LEU A 52 -30.47 16.75 23.08
C LEU A 52 -30.85 15.67 24.09
N PRO A 53 -29.95 14.73 24.36
CA PRO A 53 -30.24 13.57 25.18
C PRO A 53 -30.75 13.90 26.57
N SER A 54 -30.25 14.94 27.23
CA SER A 54 -30.59 15.24 28.60
C SER A 54 -32.10 15.41 28.80
N ASN A 55 -32.70 16.30 28.04
CA ASN A 55 -34.16 16.50 28.15
C ASN A 55 -34.98 16.07 26.95
N GLY A 56 -34.36 15.45 25.95
CA GLY A 56 -35.01 15.01 24.72
C GLY A 56 -35.47 16.13 23.81
N ARG A 57 -35.09 17.38 24.01
CA ARG A 57 -35.48 18.49 23.16
C ARG A 57 -35.05 18.22 21.71
N THR A 58 -35.86 18.60 20.72
CA THR A 58 -35.49 18.28 19.36
C THR A 58 -35.63 19.55 18.50
N ASN A 59 -34.84 19.62 17.43
CA ASN A 59 -35.01 20.72 16.47
C ASN A 59 -34.99 19.99 15.13
N TYR A 60 -36.07 19.97 14.34
CA TYR A 60 -36.01 19.32 13.06
C TYR A 60 -36.00 20.26 11.86
N ASN A 61 -35.52 19.67 10.77
CA ASN A 61 -35.72 20.32 9.48
C ASN A 61 -37.19 19.91 9.15
N GLU A 62 -38.05 20.87 9.01
CA GLU A 62 -39.47 20.72 8.70
C GLU A 62 -39.76 19.71 7.61
N LYS A 63 -38.95 19.75 6.55
CA LYS A 63 -38.92 18.79 5.46
C LYS A 63 -38.90 17.36 5.91
N PHE A 64 -38.21 16.97 7.00
CA PHE A 64 -38.12 15.63 7.49
C PHE A 64 -39.06 15.29 8.67
N LYS A 65 -39.94 16.15 9.15
CA LYS A 65 -40.79 15.89 10.31
C LYS A 65 -41.56 14.58 10.40
N THR A 66 -42.17 13.87 9.44
CA THR A 66 -42.68 12.55 9.91
C THR A 66 -41.98 11.53 9.03
N LYS A 67 -40.87 12.00 8.40
CA LYS A 67 -40.02 11.02 7.79
C LYS A 67 -39.12 10.52 8.95
N ALA A 68 -38.60 11.50 9.73
CA ALA A 68 -37.58 11.18 10.72
C ALA A 68 -38.00 11.55 12.14
N THR A 69 -37.78 10.61 13.02
CA THR A 69 -38.08 10.69 14.44
C THR A 69 -36.75 10.31 15.12
N LEU A 70 -36.29 11.26 15.91
CA LEU A 70 -35.07 11.06 16.68
C LEU A 70 -35.38 10.69 18.12
N THR A 71 -34.68 9.70 18.63
CA THR A 71 -34.86 9.35 20.05
C THR A 71 -33.45 9.11 20.58
N VAL A 72 -33.39 8.77 21.86
CA VAL A 72 -32.10 8.46 22.52
C VAL A 72 -32.31 7.34 23.54
N ASP A 73 -31.30 6.62 23.93
CA ASP A 73 -31.33 5.61 25.01
C ASP A 73 -30.13 6.00 25.91
N LYS A 74 -30.45 6.57 27.07
CA LYS A 74 -29.41 7.07 27.99
C LYS A 74 -28.56 5.95 28.56
N SER A 75 -29.18 4.80 28.85
CA SER A 75 -28.38 3.71 29.42
C SER A 75 -27.35 3.17 28.43
N SER A 76 -27.67 3.08 27.16
CA SER A 76 -26.66 2.62 26.20
C SER A 76 -25.88 3.78 25.58
N ASN A 77 -26.07 5.02 25.98
CA ASN A 77 -25.37 6.15 25.29
C ASN A 77 -25.51 6.05 23.79
N THR A 78 -26.73 5.81 23.29
CA THR A 78 -27.10 5.63 21.91
C THR A 78 -28.22 6.55 21.44
N ALA A 79 -28.00 7.06 20.22
CA ALA A 79 -28.91 7.93 19.52
C ALA A 79 -29.48 7.14 18.34
N TYR A 80 -30.76 7.29 18.10
CA TYR A 80 -31.49 6.57 17.06
C TYR A 80 -32.27 7.55 16.18
N MET A 81 -32.49 7.09 14.94
CA MET A 81 -33.25 7.89 14.00
C MET A 81 -34.11 6.88 13.21
N GLN A 82 -35.43 6.99 13.46
CA GLN A 82 -36.33 6.13 12.71
C GLN A 82 -36.76 6.85 11.44
N LEU A 83 -36.77 6.15 10.32
CA LEU A 83 -37.17 6.58 8.99
C LEU A 83 -38.39 5.69 8.64
N SER A 84 -39.53 6.31 8.46
CA SER A 84 -40.73 5.52 8.17
C SER A 84 -41.17 5.66 6.71
N SER A 85 -42.03 4.75 6.28
CA SER A 85 -42.58 4.79 4.94
C SER A 85 -41.53 5.00 3.87
N LEU A 86 -40.56 4.11 3.87
CA LEU A 86 -39.38 4.26 3.07
C LEU A 86 -39.66 4.16 1.57
N THR A 87 -39.09 5.15 0.87
CA THR A 87 -39.22 5.16 -0.57
C THR A 87 -37.81 5.19 -1.15
N SER A 88 -37.81 5.11 -2.48
CA SER A 88 -36.54 5.17 -3.22
C SER A 88 -35.86 6.50 -2.91
N GLU A 89 -36.59 7.57 -2.69
CA GLU A 89 -36.05 8.88 -2.31
C GLU A 89 -35.22 8.82 -1.03
N ASP A 90 -35.37 7.78 -0.21
CA ASP A 90 -34.66 7.63 1.04
C ASP A 90 -33.36 6.88 0.97
N SER A 91 -32.99 6.24 -0.13
CA SER A 91 -31.71 5.58 -0.25
C SER A 91 -30.66 6.71 -0.12
N ALA A 92 -29.65 6.45 0.68
CA ALA A 92 -28.62 7.47 0.94
C ALA A 92 -27.72 7.01 2.08
N VAL A 93 -26.71 7.84 2.32
CA VAL A 93 -25.84 7.68 3.46
C VAL A 93 -26.32 8.66 4.54
N TYR A 94 -26.63 8.09 5.70
CA TYR A 94 -27.05 8.78 6.87
C TYR A 94 -25.99 8.84 7.97
N TYR A 95 -25.67 10.08 8.35
CA TYR A 95 -24.60 10.23 9.35
C TYR A 95 -25.21 10.69 10.65
N CYS A 96 -24.59 10.34 11.76
CA CYS A 96 -24.96 10.96 13.00
C CYS A 96 -23.74 11.80 13.47
N ALA A 97 -23.95 12.79 14.27
CA ALA A 97 -22.85 13.63 14.75
C ALA A 97 -23.20 14.22 16.10
N ARG A 98 -22.20 14.74 16.81
CA ARG A 98 -22.40 15.47 18.04
C ARG A 98 -21.95 16.91 17.83
N SER A 99 -22.49 17.80 18.64
CA SER A 99 -22.02 19.15 18.69
C SER A 99 -22.20 19.86 20.02
N PRO A 100 -21.19 20.42 20.59
CA PRO A 100 -20.15 21.19 19.98
C PRO A 100 -18.98 20.20 19.86
N SER A 101 -17.76 20.65 19.53
CA SER A 101 -16.59 19.81 19.37
C SER A 101 -16.97 18.58 18.56
N ASP A 102 -17.53 18.87 17.37
CA ASP A 102 -18.16 17.85 16.56
C ASP A 102 -17.28 16.73 16.05
N TYR A 103 -17.89 15.55 16.10
CA TYR A 103 -17.39 14.31 15.59
C TYR A 103 -18.58 13.68 14.84
N TRP A 104 -18.27 13.03 13.73
CA TRP A 104 -19.32 12.33 12.99
C TRP A 104 -19.18 10.83 13.00
N GLY A 105 -20.29 10.09 12.81
CA GLY A 105 -20.16 8.65 12.67
C GLY A 105 -19.56 8.34 11.28
N GLN A 106 -19.40 7.07 10.99
CA GLN A 106 -18.86 6.67 9.66
C GLN A 106 -19.92 6.68 8.59
N GLY A 107 -21.18 6.71 9.04
CA GLY A 107 -22.35 6.80 8.15
C GLY A 107 -22.89 5.43 7.79
N THR A 108 -24.21 5.36 7.68
CA THR A 108 -24.92 4.12 7.35
C THR A 108 -25.56 4.29 5.97
N THR A 109 -25.15 3.48 5.03
CA THR A 109 -25.67 3.44 3.70
C THR A 109 -26.96 2.62 3.65
N LEU A 110 -28.06 3.30 3.46
CA LEU A 110 -29.38 2.68 3.46
C LEU A 110 -29.90 2.58 2.02
N THR A 111 -30.26 1.38 1.62
CA THR A 111 -30.81 1.14 0.29
C THR A 111 -32.28 0.71 0.41
N VAL A 112 -33.16 1.38 -0.32
CA VAL A 112 -34.56 0.97 -0.28
C VAL A 112 -34.94 0.57 -1.70
N SER A 113 -35.10 -0.75 -1.80
CA SER A 113 -35.45 -1.39 -3.05
C SER A 113 -36.33 -2.62 -2.84
N SER A 114 -37.26 -2.89 -3.77
CA SER A 114 -38.03 -4.13 -3.64
C SER A 114 -37.42 -5.19 -4.54
N ALA A 115 -36.22 -4.89 -5.10
CA ALA A 115 -35.53 -5.80 -5.98
C ALA A 115 -35.14 -7.07 -5.22
N LYS A 116 -35.12 -8.17 -5.96
CA LYS A 116 -34.78 -9.48 -5.44
C LYS A 116 -33.42 -9.96 -5.89
N THR A 117 -32.77 -10.78 -5.07
CA THR A 117 -31.46 -11.33 -5.32
C THR A 117 -31.29 -11.97 -6.69
N THR A 118 -30.65 -11.25 -7.60
CA THR A 118 -30.37 -11.67 -8.96
C THR A 118 -28.89 -11.83 -9.27
N ALA A 119 -28.51 -12.97 -9.86
CA ALA A 119 -27.12 -13.21 -10.18
C ALA A 119 -26.79 -12.45 -11.48
N PRO A 120 -25.56 -11.97 -11.55
CA PRO A 120 -25.10 -11.26 -12.72
C PRO A 120 -24.82 -12.15 -13.91
N SER A 121 -24.91 -11.55 -15.08
CA SER A 121 -24.45 -12.14 -16.33
C SER A 121 -23.09 -11.45 -16.63
N VAL A 122 -22.09 -12.26 -16.86
CA VAL A 122 -20.71 -11.84 -17.09
C VAL A 122 -20.33 -12.02 -18.56
N TYR A 123 -20.18 -10.91 -19.26
CA TYR A 123 -19.81 -10.96 -20.69
C TYR A 123 -18.35 -10.59 -20.93
N PRO A 124 -17.70 -11.28 -21.84
CA PRO A 124 -16.32 -10.99 -22.19
C PRO A 124 -16.20 -9.71 -23.00
N LEU A 125 -15.11 -8.95 -22.81
CA LEU A 125 -14.89 -7.72 -23.57
C LEU A 125 -13.49 -7.87 -24.18
N ALA A 126 -13.48 -8.07 -25.48
CA ALA A 126 -12.28 -8.29 -26.28
C ALA A 126 -12.44 -7.50 -27.58
N PRO A 127 -11.33 -6.98 -28.10
CA PRO A 127 -11.38 -6.23 -29.36
C PRO A 127 -11.97 -7.18 -30.42
N VAL A 128 -12.71 -6.58 -31.33
CA VAL A 128 -13.26 -7.31 -32.47
C VAL A 128 -12.14 -8.19 -32.96
N CYS A 129 -12.43 -9.49 -32.94
CA CYS A 129 -11.47 -10.53 -33.21
C CYS A 129 -10.09 -10.10 -32.72
N GLY A 130 -9.18 -10.07 -33.69
CA GLY A 130 -7.80 -9.71 -33.53
C GLY A 130 -7.43 -8.84 -32.35
N ASP A 131 -7.17 -7.56 -32.59
CA ASP A 131 -6.74 -6.59 -31.60
C ASP A 131 -6.67 -5.20 -32.24
N THR A 132 -7.52 -4.22 -31.97
CA THR A 132 -7.26 -2.91 -32.63
C THR A 132 -5.79 -2.61 -32.28
N THR A 133 -4.92 -2.59 -33.25
CA THR A 133 -3.48 -2.46 -33.18
C THR A 133 -2.83 -1.76 -32.00
N GLY A 134 -1.53 -2.06 -31.79
CA GLY A 134 -0.76 -1.44 -30.76
C GLY A 134 0.21 -2.27 -29.94
N SER A 135 1.00 -1.57 -29.13
CA SER A 135 1.98 -2.14 -28.22
C SER A 135 1.30 -2.81 -27.02
N SER A 136 0.14 -2.29 -26.64
CA SER A 136 -0.64 -2.84 -25.53
C SER A 136 -2.06 -3.13 -25.99
N VAL A 137 -2.79 -3.87 -25.16
CA VAL A 137 -4.19 -4.17 -25.51
C VAL A 137 -5.06 -4.08 -24.27
N THR A 138 -6.30 -3.69 -24.47
CA THR A 138 -7.24 -3.53 -23.36
C THR A 138 -8.35 -4.59 -23.50
N LEU A 139 -8.62 -5.34 -22.45
CA LEU A 139 -9.67 -6.34 -22.42
C LEU A 139 -10.71 -5.90 -21.39
N GLY A 140 -11.61 -6.82 -21.03
CA GLY A 140 -12.59 -6.39 -20.02
C GLY A 140 -13.67 -7.40 -19.74
N CYS A 141 -14.46 -7.15 -18.69
CA CYS A 141 -15.60 -7.97 -18.38
C CYS A 141 -16.74 -7.00 -18.07
N LEU A 142 -17.89 -7.36 -18.60
CA LEU A 142 -19.10 -6.55 -18.36
C LEU A 142 -19.99 -7.36 -17.45
N VAL A 143 -20.22 -6.83 -16.24
CA VAL A 143 -21.01 -7.62 -15.28
C VAL A 143 -22.37 -6.95 -15.16
N LYS A 144 -23.39 -7.48 -15.77
CA LYS A 144 -24.70 -6.87 -15.85
C LYS A 144 -25.84 -7.58 -15.13
N GLY A 145 -26.73 -6.75 -14.61
CA GLY A 145 -27.98 -7.18 -14.02
C GLY A 145 -27.97 -7.95 -12.73
N TYR A 146 -27.24 -7.53 -11.72
CA TYR A 146 -27.18 -8.22 -10.44
C TYR A 146 -27.79 -7.38 -9.33
N PHE A 147 -28.02 -8.02 -8.20
CA PHE A 147 -28.64 -7.41 -7.04
C PHE A 147 -28.54 -8.40 -5.89
N PRO A 148 -28.14 -7.94 -4.71
CA PRO A 148 -27.72 -6.56 -4.46
C PRO A 148 -26.21 -6.39 -4.64
N GLU A 149 -25.70 -5.19 -4.36
CA GLU A 149 -24.23 -5.06 -4.45
C GLU A 149 -23.74 -5.83 -3.23
N PRO A 150 -22.53 -6.31 -3.19
CA PRO A 150 -21.59 -6.07 -4.26
C PRO A 150 -21.25 -7.34 -5.03
N VAL A 151 -20.37 -7.07 -5.97
CA VAL A 151 -19.73 -8.05 -6.84
C VAL A 151 -18.23 -7.86 -6.65
N THR A 152 -17.50 -8.94 -6.46
CA THR A 152 -16.05 -8.88 -6.27
C THR A 152 -15.49 -9.28 -7.62
N LEU A 153 -14.67 -8.43 -8.23
CA LEU A 153 -14.13 -8.75 -9.54
C LEU A 153 -12.60 -8.70 -9.49
N THR A 154 -11.99 -9.80 -9.88
CA THR A 154 -10.53 -9.89 -9.96
C THR A 154 -10.11 -10.36 -11.35
N TRP A 155 -8.83 -10.22 -11.60
CA TRP A 155 -8.19 -10.60 -12.86
C TRP A 155 -7.06 -11.60 -12.54
N ASN A 156 -7.13 -12.74 -13.22
CA ASN A 156 -6.20 -13.83 -13.01
C ASN A 156 -5.98 -14.11 -11.53
N SER A 157 -7.08 -14.22 -10.79
CA SER A 157 -7.10 -14.51 -9.37
C SER A 157 -6.29 -13.53 -8.53
N GLY A 158 -6.34 -12.24 -8.87
CA GLY A 158 -5.57 -11.23 -8.15
C GLY A 158 -4.14 -11.11 -8.65
N SER A 159 -3.68 -11.99 -9.52
CA SER A 159 -2.32 -11.92 -10.05
C SER A 159 -2.21 -10.74 -11.01
N LEU A 160 -3.29 -10.44 -11.72
CA LEU A 160 -3.31 -9.30 -12.64
C LEU A 160 -3.99 -8.12 -11.94
N SER A 161 -3.21 -7.21 -11.35
CA SER A 161 -3.78 -6.10 -10.62
C SER A 161 -3.45 -4.69 -11.05
N SER A 162 -2.44 -4.46 -11.86
CA SER A 162 -2.06 -3.08 -12.23
C SER A 162 -2.48 -2.87 -13.67
N GLY A 163 -2.93 -1.69 -14.05
CA GLY A 163 -3.42 -1.50 -15.43
C GLY A 163 -4.92 -1.81 -15.48
N VAL A 164 -5.54 -2.08 -14.34
CA VAL A 164 -6.98 -2.36 -14.30
C VAL A 164 -7.76 -1.12 -13.91
N HIS A 165 -8.96 -0.98 -14.47
CA HIS A 165 -9.92 0.05 -14.10
C HIS A 165 -11.26 -0.67 -13.82
N THR A 166 -11.73 -0.68 -12.59
CA THR A 166 -13.01 -1.32 -12.30
C THR A 166 -13.96 -0.19 -11.90
N PHE A 167 -14.89 0.08 -12.78
CA PHE A 167 -15.87 1.16 -12.59
C PHE A 167 -16.89 0.90 -11.52
N PRO A 168 -17.32 1.93 -10.80
CA PRO A 168 -18.38 1.86 -9.81
C PRO A 168 -19.67 1.29 -10.45
N ALA A 169 -20.37 0.48 -9.70
CA ALA A 169 -21.62 -0.12 -10.21
C ALA A 169 -22.62 1.00 -10.34
N VAL A 170 -23.50 0.88 -11.32
CA VAL A 170 -24.55 1.83 -11.60
C VAL A 170 -25.90 1.13 -11.59
N LEU A 171 -26.90 1.81 -11.08
CA LEU A 171 -28.23 1.22 -11.00
C LEU A 171 -29.07 1.51 -12.22
N GLN A 172 -29.29 0.52 -13.09
CA GLN A 172 -30.12 0.71 -14.28
C GLN A 172 -31.32 -0.22 -14.06
N SER A 173 -32.49 0.42 -13.97
CA SER A 173 -33.72 -0.29 -13.63
C SER A 173 -33.59 -0.44 -12.12
N ASP A 174 -33.76 -1.63 -11.60
CA ASP A 174 -33.61 -1.93 -10.19
C ASP A 174 -32.40 -2.85 -10.03
N LEU A 175 -31.64 -3.05 -11.12
CA LEU A 175 -30.47 -3.91 -11.04
C LEU A 175 -29.18 -3.12 -11.24
N TYR A 176 -28.09 -3.78 -10.84
CA TYR A 176 -26.78 -3.15 -10.91
C TYR A 176 -25.95 -3.68 -12.04
N THR A 177 -25.08 -2.82 -12.59
CA THR A 177 -24.17 -3.20 -13.65
C THR A 177 -22.80 -2.54 -13.48
N LEU A 178 -21.78 -3.38 -13.65
CA LEU A 178 -20.43 -2.86 -13.55
C LEU A 178 -19.56 -3.46 -14.66
N SER A 179 -18.49 -2.69 -14.93
CA SER A 179 -17.55 -3.10 -15.97
C SER A 179 -16.13 -2.95 -15.45
N SER A 180 -15.18 -3.67 -16.03
CA SER A 180 -13.78 -3.61 -15.63
C SER A 180 -12.85 -3.79 -16.83
N SER A 181 -11.78 -2.97 -16.88
CA SER A 181 -10.85 -3.09 -18.00
C SER A 181 -9.45 -3.47 -17.50
N VAL A 182 -8.68 -4.16 -18.31
CA VAL A 182 -7.31 -4.50 -17.98
C VAL A 182 -6.54 -4.18 -19.30
N THR A 183 -5.38 -3.57 -19.15
CA THR A 183 -4.55 -3.29 -20.34
C THR A 183 -3.24 -4.02 -20.16
N VAL A 184 -2.87 -4.88 -21.12
CA VAL A 184 -1.69 -5.72 -21.09
C VAL A 184 -0.78 -5.47 -22.30
N THR A 185 0.41 -6.07 -22.33
CA THR A 185 1.24 -5.80 -23.52
C THR A 185 0.64 -6.63 -24.64
N SER A 186 0.68 -6.14 -25.88
CA SER A 186 0.08 -6.93 -26.97
C SER A 186 0.65 -8.32 -27.07
N SER A 187 1.96 -8.53 -26.89
CA SER A 187 2.56 -9.84 -27.00
C SER A 187 2.11 -10.79 -25.91
N THR A 188 1.75 -10.28 -24.74
CA THR A 188 1.29 -11.10 -23.64
C THR A 188 -0.06 -11.76 -23.94
N TRP A 189 -0.99 -11.05 -24.56
CA TRP A 189 -2.30 -11.62 -24.90
C TRP A 189 -2.48 -11.59 -26.40
N PRO A 190 -2.97 -12.68 -26.97
CA PRO A 190 -3.45 -13.83 -26.24
C PRO A 190 -2.50 -14.74 -25.50
N SER A 191 -1.30 -14.94 -25.99
CA SER A 191 -0.32 -15.88 -25.46
C SER A 191 -0.49 -16.27 -24.00
N GLN A 192 -0.52 -15.37 -23.05
CA GLN A 192 -0.76 -15.64 -21.64
C GLN A 192 -2.22 -15.43 -21.26
N SER A 193 -2.85 -16.39 -20.59
CA SER A 193 -4.28 -16.33 -20.26
C SER A 193 -4.68 -15.16 -19.37
N ILE A 194 -5.89 -14.65 -19.63
CA ILE A 194 -6.49 -13.51 -18.93
C ILE A 194 -7.97 -13.82 -18.72
N THR A 195 -8.28 -14.09 -17.45
CA THR A 195 -9.62 -14.46 -17.06
C THR A 195 -10.13 -13.48 -16.00
N CYS A 196 -11.41 -13.10 -16.10
CA CYS A 196 -11.88 -12.20 -15.04
C CYS A 196 -12.68 -13.06 -14.06
N ASN A 197 -12.41 -12.86 -12.79
CA ASN A 197 -13.07 -13.64 -11.74
C ASN A 197 -14.18 -12.81 -11.11
N VAL A 198 -15.41 -13.28 -11.27
CA VAL A 198 -16.52 -12.51 -10.72
C VAL A 198 -17.14 -13.27 -9.55
N ALA A 199 -17.31 -12.60 -8.41
CA ALA A 199 -17.96 -13.30 -7.30
C ALA A 199 -19.15 -12.46 -6.88
N HIS A 200 -20.31 -13.07 -6.71
CA HIS A 200 -21.50 -12.32 -6.25
C HIS A 200 -22.04 -13.09 -5.03
N PRO A 201 -21.52 -12.77 -3.86
CA PRO A 201 -21.89 -13.36 -2.60
C PRO A 201 -23.39 -13.58 -2.46
N ALA A 202 -24.20 -12.54 -2.38
CA ALA A 202 -25.64 -12.71 -2.24
C ALA A 202 -26.22 -13.88 -3.01
N SER A 203 -25.91 -14.08 -4.29
CA SER A 203 -26.41 -15.21 -5.04
C SER A 203 -25.46 -16.39 -4.99
N SER A 204 -24.46 -16.34 -4.13
CA SER A 204 -23.39 -17.30 -3.95
C SER A 204 -22.88 -17.83 -5.27
N THR A 205 -22.57 -16.87 -6.15
CA THR A 205 -22.11 -17.19 -7.50
C THR A 205 -20.66 -16.73 -7.64
N LYS A 206 -19.95 -17.53 -8.42
CA LYS A 206 -18.53 -17.30 -8.70
C LYS A 206 -18.37 -17.75 -10.14
N VAL A 207 -17.95 -16.81 -10.97
CA VAL A 207 -17.84 -17.08 -12.41
C VAL A 207 -16.47 -16.61 -12.88
N ASP A 208 -15.85 -17.40 -13.73
CA ASP A 208 -14.56 -17.09 -14.32
C ASP A 208 -14.74 -17.03 -15.83
N LYS A 209 -14.50 -15.85 -16.40
CA LYS A 209 -14.71 -15.69 -17.85
C LYS A 209 -13.34 -15.44 -18.46
N LYS A 210 -12.88 -16.43 -19.22
CA LYS A 210 -11.57 -16.33 -19.89
C LYS A 210 -11.79 -15.41 -21.09
N ILE A 211 -10.86 -14.48 -21.30
CA ILE A 211 -11.02 -13.55 -22.42
C ILE A 211 -10.12 -14.02 -23.56
N GLU A 212 -10.80 -14.38 -24.65
CA GLU A 212 -10.13 -14.86 -25.86
C GLU A 212 -10.76 -14.11 -27.04
N PRO A 213 -10.00 -14.18 -28.13
CA PRO A 213 -10.50 -13.57 -29.38
C PRO A 213 -11.58 -14.44 -30.01
N ARG A 214 -12.52 -13.87 -30.74
CA ARG A 214 -13.66 -14.42 -31.47
C ARG A 214 -13.99 -13.57 -32.70
N VAL A 215 -15.19 -13.49 -33.31
CA VAL A 215 -15.31 -12.48 -34.41
C VAL A 215 -16.29 -11.43 -33.96
N PRO A 216 -17.55 -11.43 -34.53
CA PRO A 216 -18.49 -10.41 -34.04
C PRO A 216 -19.09 -10.65 -32.65
N GLN B 1 25.62 -11.93 -20.70
CA GLN B 1 25.19 -12.69 -21.92
C GLN B 1 24.19 -13.75 -21.51
N VAL B 2 24.59 -14.94 -21.05
CA VAL B 2 23.55 -15.85 -20.54
C VAL B 2 22.89 -15.04 -19.42
N GLN B 3 21.64 -14.63 -19.51
CA GLN B 3 20.98 -13.85 -18.50
C GLN B 3 19.52 -14.33 -18.26
N LEU B 4 19.06 -14.10 -17.04
CA LEU B 4 17.70 -14.38 -16.61
C LEU B 4 17.15 -13.04 -16.10
N GLN B 5 16.15 -12.43 -16.74
CA GLN B 5 15.60 -11.16 -16.26
C GLN B 5 14.36 -11.32 -15.40
N GLN B 6 14.36 -10.77 -14.20
CA GLN B 6 13.21 -10.90 -13.31
C GLN B 6 12.75 -9.54 -12.80
N PRO B 7 11.45 -9.36 -12.62
CA PRO B 7 10.92 -8.11 -12.08
C PRO B 7 11.51 -7.81 -10.72
N GLY B 8 11.64 -6.56 -10.34
CA GLY B 8 12.26 -6.14 -9.10
C GLY B 8 11.53 -6.51 -7.83
N ALA B 9 10.33 -5.93 -7.61
CA ALA B 9 9.52 -6.20 -6.45
C ALA B 9 8.03 -6.26 -6.82
N GLU B 10 7.22 -6.69 -5.88
CA GLU B 10 5.77 -6.73 -6.03
C GLU B 10 5.10 -6.86 -4.66
N LEU B 11 4.05 -6.09 -4.49
CA LEU B 11 3.28 -6.04 -3.24
C LEU B 11 1.81 -6.43 -3.46
N VAL B 12 1.40 -7.51 -2.81
CA VAL B 12 0.05 -8.05 -2.93
C VAL B 12 -0.62 -8.25 -1.56
N LYS B 13 -1.94 -8.14 -1.38
CA LYS B 13 -2.46 -8.45 -0.03
C LYS B 13 -2.67 -9.95 0.06
N PRO B 14 -2.92 -10.49 1.24
CA PRO B 14 -3.14 -11.89 1.52
C PRO B 14 -4.41 -12.42 0.89
N GLY B 15 -4.39 -13.58 0.22
CA GLY B 15 -5.58 -14.03 -0.48
C GLY B 15 -5.48 -14.26 -1.98
N PRO B 16 -4.98 -13.33 -2.76
CA PRO B 16 -4.80 -13.46 -4.18
C PRO B 16 -3.60 -14.38 -4.45
N SER B 17 -3.16 -14.23 -5.68
CA SER B 17 -2.05 -14.92 -6.26
C SER B 17 -1.17 -13.90 -6.97
N VAL B 18 -0.02 -14.36 -7.43
CA VAL B 18 0.90 -13.50 -8.19
C VAL B 18 1.52 -14.46 -9.20
N LYS B 19 1.88 -13.97 -10.37
CA LYS B 19 2.53 -14.69 -11.42
C LYS B 19 3.90 -14.04 -11.71
N LEU B 20 4.94 -14.64 -11.17
CA LEU B 20 6.32 -14.16 -11.34
C LEU B 20 6.92 -14.64 -12.66
N SER B 21 7.64 -13.75 -13.35
CA SER B 21 8.24 -14.12 -14.64
C SER B 21 9.75 -14.20 -14.58
N CYS B 22 10.29 -15.01 -15.48
CA CYS B 22 11.72 -15.28 -15.62
C CYS B 22 12.07 -15.31 -17.11
N LYS B 23 12.49 -14.13 -17.58
CA LYS B 23 12.84 -13.92 -18.98
C LYS B 23 14.29 -14.27 -19.30
N ALA B 24 14.49 -15.39 -19.99
CA ALA B 24 15.81 -15.86 -20.34
C ALA B 24 16.34 -15.10 -21.56
N SER B 25 17.48 -14.44 -21.35
CA SER B 25 18.13 -13.56 -22.28
C SER B 25 19.60 -13.91 -22.53
N GLY B 26 19.93 -14.48 -23.68
CA GLY B 26 21.26 -14.83 -24.08
C GLY B 26 21.52 -16.27 -24.44
N PHE B 27 20.52 -17.14 -24.44
CA PHE B 27 20.64 -18.56 -24.73
C PHE B 27 19.23 -19.12 -24.97
N THR B 28 19.09 -20.31 -25.52
CA THR B 28 17.73 -20.87 -25.69
C THR B 28 17.57 -21.97 -24.65
N PHE B 29 16.64 -21.81 -23.72
CA PHE B 29 16.46 -22.65 -22.56
C PHE B 29 15.85 -24.03 -22.66
N THR B 30 15.58 -24.50 -23.87
CA THR B 30 14.91 -25.78 -24.09
C THR B 30 15.40 -26.96 -23.30
N ASN B 31 16.68 -27.25 -23.23
CA ASN B 31 17.23 -28.43 -22.57
C ASN B 31 17.77 -28.18 -21.17
N TYR B 32 17.53 -27.01 -20.63
CA TYR B 32 18.01 -26.69 -19.28
C TYR B 32 16.86 -26.62 -18.27
N TRP B 33 16.89 -27.38 -17.20
CA TRP B 33 15.86 -27.21 -16.17
C TRP B 33 15.80 -25.74 -15.76
N MET B 34 14.61 -25.19 -15.57
CA MET B 34 14.43 -23.84 -15.09
C MET B 34 13.88 -23.98 -13.66
N HIS B 35 14.67 -23.46 -12.73
CA HIS B 35 14.38 -23.54 -11.32
C HIS B 35 13.82 -22.32 -10.63
N TRP B 36 13.23 -22.56 -9.43
CA TRP B 36 12.68 -21.47 -8.63
C TRP B 36 13.01 -21.67 -7.16
N VAL B 37 13.50 -20.59 -6.52
CA VAL B 37 13.92 -20.71 -5.14
C VAL B 37 13.44 -19.49 -4.39
N LYS B 38 13.06 -19.74 -3.16
CA LYS B 38 12.58 -18.75 -2.22
C LYS B 38 13.71 -18.43 -1.21
N GLN B 39 13.91 -17.19 -0.87
CA GLN B 39 14.87 -16.77 0.10
C GLN B 39 14.18 -15.79 1.08
N ARG B 40 14.31 -16.11 2.34
CA ARG B 40 13.90 -15.26 3.43
C ARG B 40 15.14 -14.94 4.27
N PRO B 41 15.06 -13.80 4.97
CA PRO B 41 16.16 -13.39 5.84
C PRO B 41 16.33 -14.45 6.92
N GLY B 42 15.24 -14.60 7.69
CA GLY B 42 15.10 -15.48 8.80
C GLY B 42 15.28 -16.96 8.58
N GLN B 43 14.64 -17.49 7.55
CA GLN B 43 14.84 -18.89 7.18
C GLN B 43 16.17 -18.86 6.42
N GLY B 44 16.22 -19.60 5.34
CA GLY B 44 17.41 -19.61 4.47
C GLY B 44 16.85 -19.70 3.04
N LEU B 45 17.44 -20.59 2.25
CA LEU B 45 16.96 -20.74 0.89
C LEU B 45 16.25 -22.09 0.73
N GLU B 46 15.15 -22.06 0.00
CA GLU B 46 14.38 -23.29 -0.24
C GLU B 46 14.13 -23.47 -1.73
N TRP B 47 14.42 -24.61 -2.33
CA TRP B 47 14.18 -24.75 -3.77
C TRP B 47 12.69 -25.06 -4.04
N ILE B 48 12.00 -24.24 -4.77
CA ILE B 48 10.56 -24.50 -4.98
C ILE B 48 10.35 -25.65 -5.96
N GLY B 49 10.87 -25.52 -7.18
CA GLY B 49 10.63 -26.59 -8.16
C GLY B 49 11.36 -26.23 -9.44
N GLU B 50 11.11 -27.01 -10.48
CA GLU B 50 11.77 -26.84 -11.75
C GLU B 50 10.93 -27.46 -12.86
N ILE B 51 11.11 -26.89 -14.04
CA ILE B 51 10.46 -27.43 -15.24
C ILE B 51 11.42 -27.46 -16.41
N LEU B 52 11.40 -28.54 -17.18
CA LEU B 52 12.24 -28.60 -18.40
C LEU B 52 11.41 -27.98 -19.51
N PRO B 53 11.74 -26.80 -20.01
CA PRO B 53 10.91 -26.13 -21.01
C PRO B 53 10.66 -26.92 -22.29
N SER B 54 11.52 -27.84 -22.68
CA SER B 54 11.32 -28.71 -23.81
C SER B 54 9.90 -29.31 -23.89
N ASN B 55 9.44 -30.00 -22.87
CA ASN B 55 8.14 -30.66 -22.82
C ASN B 55 7.30 -30.31 -21.61
N GLY B 56 7.79 -29.34 -20.81
CA GLY B 56 7.13 -28.90 -19.61
C GLY B 56 7.16 -29.91 -18.47
N ARG B 57 8.02 -30.92 -18.49
CA ARG B 57 8.07 -31.86 -17.37
C ARG B 57 8.47 -31.05 -16.13
N THR B 58 7.98 -31.36 -14.95
CA THR B 58 8.24 -30.59 -13.76
C THR B 58 8.63 -31.49 -12.58
N ASN B 59 9.31 -30.88 -11.62
CA ASN B 59 9.66 -31.55 -10.37
C ASN B 59 9.42 -30.47 -9.30
N TYR B 60 8.57 -30.81 -8.35
CA TYR B 60 8.24 -29.85 -7.32
C TYR B 60 8.72 -30.29 -5.95
N ASN B 61 9.07 -29.33 -5.11
CA ASN B 61 9.38 -29.71 -3.72
C ASN B 61 8.00 -30.03 -3.16
N GLU B 62 7.75 -31.11 -2.46
CA GLU B 62 6.46 -31.45 -1.87
C GLU B 62 5.89 -30.30 -1.05
N LYS B 63 6.80 -29.58 -0.36
CA LYS B 63 6.43 -28.42 0.40
C LYS B 63 5.75 -27.34 -0.43
N PHE B 64 6.05 -27.20 -1.72
CA PHE B 64 5.48 -26.10 -2.46
C PHE B 64 4.44 -26.55 -3.48
N LYS B 65 4.15 -27.83 -3.56
CA LYS B 65 3.27 -28.39 -4.58
C LYS B 65 1.90 -27.76 -4.70
N THR B 66 1.30 -27.29 -3.62
CA THR B 66 -0.02 -26.68 -3.74
C THR B 66 0.01 -25.15 -3.76
N LYS B 67 1.19 -24.58 -3.56
CA LYS B 67 1.40 -23.15 -3.51
C LYS B 67 1.85 -22.61 -4.86
N ALA B 68 2.74 -23.32 -5.52
CA ALA B 68 3.38 -22.93 -6.74
C ALA B 68 3.05 -23.76 -7.97
N THR B 69 2.85 -23.08 -9.07
CA THR B 69 2.66 -23.70 -10.36
C THR B 69 3.70 -23.12 -11.32
N LEU B 70 4.48 -23.98 -11.97
CA LEU B 70 5.47 -23.50 -12.93
C LEU B 70 5.03 -23.84 -14.36
N THR B 71 5.18 -22.86 -15.22
CA THR B 71 4.88 -23.06 -16.63
C THR B 71 6.03 -22.46 -17.44
N VAL B 72 5.98 -22.68 -18.73
CA VAL B 72 6.96 -22.16 -19.69
C VAL B 72 6.33 -21.54 -20.92
N ASP B 73 6.83 -20.40 -21.39
CA ASP B 73 6.32 -19.77 -22.61
C ASP B 73 7.48 -19.38 -23.51
N LYS B 74 7.83 -20.18 -24.50
CA LYS B 74 8.89 -19.90 -25.47
C LYS B 74 8.61 -18.71 -26.37
N SER B 75 8.38 -17.54 -25.82
CA SER B 75 8.03 -16.25 -26.32
C SER B 75 9.24 -15.31 -26.26
N SER B 76 9.88 -15.50 -25.11
CA SER B 76 11.10 -14.81 -24.74
C SER B 76 11.98 -15.93 -24.20
N ASN B 77 11.41 -17.14 -24.30
CA ASN B 77 12.11 -18.30 -23.68
C ASN B 77 12.04 -17.83 -22.22
N THR B 78 10.78 -17.93 -21.77
CA THR B 78 10.37 -17.45 -20.46
C THR B 78 9.65 -18.48 -19.61
N ALA B 79 10.08 -18.50 -18.35
CA ALA B 79 9.51 -19.39 -17.36
C ALA B 79 8.67 -18.57 -16.41
N TYR B 80 7.64 -19.18 -15.82
CA TYR B 80 6.75 -18.47 -14.94
C TYR B 80 6.43 -19.24 -13.66
N MET B 81 6.23 -18.45 -12.61
CA MET B 81 5.87 -19.04 -11.33
C MET B 81 4.63 -18.34 -10.76
N GLN B 82 3.57 -19.16 -10.64
CA GLN B 82 2.33 -18.70 -10.03
C GLN B 82 2.27 -19.22 -8.60
N LEU B 83 2.05 -18.37 -7.64
CA LEU B 83 1.92 -18.65 -6.23
C LEU B 83 0.46 -18.36 -5.83
N SER B 84 -0.23 -19.32 -5.27
CA SER B 84 -1.63 -19.14 -4.89
C SER B 84 -1.87 -18.80 -3.44
N SER B 85 -3.08 -18.33 -3.19
CA SER B 85 -3.59 -18.01 -1.86
C SER B 85 -2.48 -17.52 -0.94
N LEU B 86 -1.92 -16.37 -1.30
CA LEU B 86 -0.80 -15.77 -0.60
C LEU B 86 -1.06 -15.37 0.83
N THR B 87 -0.03 -15.57 1.67
CA THR B 87 -0.11 -15.20 3.07
C THR B 87 1.22 -14.55 3.46
N SER B 88 1.30 -13.95 4.63
CA SER B 88 2.54 -13.33 5.10
C SER B 88 3.76 -14.20 4.98
N GLU B 89 3.61 -15.52 5.17
CA GLU B 89 4.69 -16.49 5.06
C GLU B 89 5.18 -16.69 3.62
N ASP B 90 4.52 -16.14 2.61
CA ASP B 90 4.98 -16.13 1.25
C ASP B 90 5.86 -14.91 0.96
N SER B 91 6.05 -14.01 1.91
CA SER B 91 6.84 -12.79 1.73
C SER B 91 8.32 -13.20 1.67
N ALA B 92 9.00 -12.80 0.61
CA ALA B 92 10.38 -13.22 0.40
C ALA B 92 10.95 -12.74 -0.93
N VAL B 93 12.16 -13.21 -1.21
CA VAL B 93 12.75 -12.97 -2.52
C VAL B 93 12.71 -14.32 -3.24
N TYR B 94 12.25 -14.25 -4.46
CA TYR B 94 12.14 -15.41 -5.33
C TYR B 94 13.09 -15.28 -6.51
N TYR B 95 13.93 -16.31 -6.64
CA TYR B 95 14.84 -16.32 -7.79
C TYR B 95 14.45 -17.36 -8.80
N CYS B 96 14.79 -17.15 -10.08
CA CYS B 96 14.66 -18.21 -11.07
C CYS B 96 16.07 -18.54 -11.54
N ALA B 97 16.33 -19.76 -12.00
CA ALA B 97 17.68 -20.12 -12.38
C ALA B 97 17.66 -21.26 -13.40
N ARG B 98 18.73 -21.46 -14.16
CA ARG B 98 18.83 -22.62 -15.03
C ARG B 98 19.84 -23.64 -14.49
N SER B 99 19.79 -24.87 -14.97
CA SER B 99 20.76 -25.90 -14.79
C SER B 99 20.80 -27.01 -15.85
N PRO B 100 21.93 -27.22 -16.48
CA PRO B 100 23.26 -27.34 -15.92
C PRO B 100 23.99 -26.02 -16.24
N SER B 101 25.27 -25.83 -15.94
CA SER B 101 25.91 -24.54 -16.22
C SER B 101 25.07 -23.38 -15.70
N ASP B 102 24.70 -23.47 -14.41
CA ASP B 102 23.71 -22.64 -13.79
C ASP B 102 23.92 -21.14 -13.74
N TYR B 103 22.87 -20.40 -14.04
CA TYR B 103 22.83 -18.93 -13.98
C TYR B 103 21.54 -18.54 -13.26
N TRP B 104 21.47 -17.50 -12.46
CA TRP B 104 20.29 -17.14 -11.69
C TRP B 104 19.88 -15.73 -12.10
N GLY B 105 18.64 -15.36 -11.86
CA GLY B 105 18.16 -14.01 -12.05
C GLY B 105 18.44 -13.23 -10.77
N GLN B 106 18.05 -11.96 -10.77
CA GLN B 106 18.26 -10.96 -9.76
C GLN B 106 17.40 -11.11 -8.52
N GLY B 107 16.30 -11.85 -8.67
CA GLY B 107 15.36 -12.04 -7.58
C GLY B 107 14.23 -11.02 -7.65
N THR B 108 13.04 -11.46 -7.25
CA THR B 108 11.89 -10.57 -7.17
C THR B 108 11.48 -10.49 -5.71
N THR B 109 11.44 -9.28 -5.13
CA THR B 109 11.02 -9.21 -3.73
C THR B 109 9.49 -9.12 -3.71
N LEU B 110 8.88 -10.11 -3.07
CA LEU B 110 7.40 -10.17 -3.02
C LEU B 110 6.96 -9.85 -1.62
N THR B 111 6.19 -8.80 -1.41
CA THR B 111 5.65 -8.50 -0.08
C THR B 111 4.14 -8.81 -0.03
N VAL B 112 3.69 -9.64 0.90
CA VAL B 112 2.25 -9.88 1.06
C VAL B 112 1.82 -9.28 2.40
N SER B 113 0.99 -8.23 2.27
CA SER B 113 0.53 -7.50 3.44
C SER B 113 -0.88 -6.92 3.25
N SER B 114 -1.56 -6.73 4.37
CA SER B 114 -2.89 -6.15 4.45
C SER B 114 -2.85 -4.64 4.74
N ALA B 115 -1.66 -4.14 5.01
CA ALA B 115 -1.44 -2.75 5.37
C ALA B 115 -1.86 -1.77 4.29
N LYS B 116 -2.29 -0.62 4.76
CA LYS B 116 -2.66 0.49 3.91
C LYS B 116 -1.49 1.47 3.91
N THR B 117 -1.36 2.25 2.86
CA THR B 117 -0.28 3.25 2.82
C THR B 117 -0.39 4.12 4.04
N THR B 118 0.72 4.30 4.77
CA THR B 118 0.74 5.04 6.01
C THR B 118 2.05 5.81 6.11
N ALA B 119 1.93 7.12 6.25
CA ALA B 119 3.12 7.98 6.39
C ALA B 119 3.73 7.77 7.77
N PRO B 120 5.06 7.85 7.88
CA PRO B 120 5.73 7.75 9.14
C PRO B 120 5.52 8.92 10.06
N SER B 121 5.50 8.63 11.36
CA SER B 121 5.60 9.70 12.35
C SER B 121 7.13 9.91 12.40
N VAL B 122 7.61 11.13 12.42
CA VAL B 122 9.07 11.36 12.42
C VAL B 122 9.49 12.07 13.69
N TYR B 123 10.40 11.52 14.54
CA TYR B 123 10.73 12.21 15.78
C TYR B 123 12.20 12.59 15.89
N PRO B 124 12.47 13.81 16.30
CA PRO B 124 13.85 14.27 16.47
C PRO B 124 14.41 13.75 17.78
N LEU B 125 15.60 13.18 17.86
CA LEU B 125 16.14 12.69 19.11
C LEU B 125 17.41 13.43 19.54
N ALA B 126 17.25 14.37 20.50
CA ALA B 126 18.41 15.12 20.95
C ALA B 126 18.97 14.36 22.16
N PRO B 127 20.22 14.67 22.49
CA PRO B 127 20.87 14.01 23.59
C PRO B 127 20.23 14.34 24.94
N VAL B 128 20.50 13.42 25.87
CA VAL B 128 20.08 13.61 27.25
C VAL B 128 20.60 14.97 27.72
N CYS B 129 19.77 15.66 28.45
CA CYS B 129 20.00 16.97 28.96
C CYS B 129 21.38 17.29 29.53
N GLY B 130 21.59 18.59 29.61
CA GLY B 130 22.74 19.32 30.08
C GLY B 130 24.06 18.76 29.58
N ASP B 131 24.47 17.73 30.31
CA ASP B 131 25.65 16.94 30.10
C ASP B 131 25.84 16.44 28.68
N THR B 132 27.06 16.14 28.37
CA THR B 132 27.99 15.68 27.44
C THR B 132 29.12 16.74 27.51
N THR B 133 30.18 16.29 28.18
CA THR B 133 31.39 17.07 28.36
C THR B 133 32.35 16.68 27.22
N GLY B 134 32.14 15.42 26.80
CA GLY B 134 32.94 14.79 25.77
C GLY B 134 33.07 15.65 24.52
N SER B 135 33.81 15.10 23.58
CA SER B 135 34.11 15.79 22.34
C SER B 135 33.05 15.53 21.26
N SER B 136 32.28 14.45 21.36
CA SER B 136 31.32 14.17 20.32
C SER B 136 29.86 14.08 20.81
N VAL B 137 28.94 14.40 19.94
CA VAL B 137 27.50 14.34 20.25
C VAL B 137 26.79 13.55 19.17
N THR B 138 25.92 12.63 19.60
CA THR B 138 25.16 11.77 18.68
C THR B 138 23.71 12.25 18.68
N LEU B 139 23.11 12.47 17.50
CA LEU B 139 21.74 12.97 17.38
C LEU B 139 20.97 11.86 16.66
N GLY B 140 19.65 11.86 16.78
CA GLY B 140 18.96 10.72 16.08
C GLY B 140 17.59 11.16 15.55
N CYS B 141 17.03 10.27 14.74
CA CYS B 141 15.73 10.51 14.11
C CYS B 141 15.02 9.16 14.09
N LEU B 142 13.85 9.13 14.68
CA LEU B 142 13.09 7.87 14.76
C LEU B 142 11.94 7.95 13.75
N VAL B 143 11.83 6.96 12.89
CA VAL B 143 10.82 7.01 11.83
C VAL B 143 9.87 5.86 12.08
N LYS B 144 8.70 6.14 12.65
CA LYS B 144 7.83 5.06 13.09
C LYS B 144 6.46 4.96 12.46
N GLY B 145 6.03 3.73 12.26
CA GLY B 145 4.75 3.30 11.77
C GLY B 145 4.43 3.62 10.32
N TYR B 146 5.29 3.28 9.37
CA TYR B 146 5.00 3.53 7.99
C TYR B 146 4.79 2.20 7.24
N PHE B 147 4.19 2.39 6.09
CA PHE B 147 3.91 1.33 5.13
C PHE B 147 3.56 1.96 3.79
N PRO B 148 4.07 1.45 2.70
CA PRO B 148 5.08 0.39 2.72
C PRO B 148 6.48 1.01 2.73
N GLU B 149 7.49 0.18 2.48
CA GLU B 149 8.85 0.65 2.32
C GLU B 149 8.91 1.15 0.88
N PRO B 150 9.83 2.02 0.58
CA PRO B 150 10.78 2.54 1.54
C PRO B 150 10.53 3.99 1.89
N VAL B 151 11.47 4.47 2.68
CA VAL B 151 11.51 5.89 3.06
C VAL B 151 12.89 6.34 2.65
N THR B 152 13.11 7.63 2.44
CA THR B 152 14.46 8.12 2.12
C THR B 152 14.75 9.16 3.21
N LEU B 153 15.74 8.90 4.05
CA LEU B 153 16.10 9.74 5.14
C LEU B 153 17.49 10.36 4.91
N THR B 154 17.50 11.66 5.00
CA THR B 154 18.76 12.39 4.86
C THR B 154 18.88 13.30 6.06
N TRP B 155 20.09 13.80 6.22
CA TRP B 155 20.37 14.84 7.19
C TRP B 155 20.86 16.06 6.42
N ASN B 156 20.34 17.21 6.81
CA ASN B 156 20.60 18.48 6.15
C ASN B 156 20.46 18.38 4.64
N SER B 157 19.37 17.75 4.21
CA SER B 157 19.02 17.48 2.84
C SER B 157 20.05 16.67 2.07
N GLY B 158 20.90 15.86 2.71
CA GLY B 158 21.89 15.02 2.07
C GLY B 158 23.28 15.60 2.20
N SER B 159 23.40 16.85 2.63
CA SER B 159 24.66 17.55 2.79
C SER B 159 25.44 17.10 4.01
N LEU B 160 24.79 16.42 4.96
CA LEU B 160 25.46 15.88 6.14
C LEU B 160 25.34 14.37 6.00
N SER B 161 26.45 13.83 5.52
CA SER B 161 26.70 12.52 5.06
C SER B 161 27.60 11.61 5.89
N SER B 162 28.71 12.07 6.46
CA SER B 162 29.53 11.11 7.17
C SER B 162 29.12 11.21 8.64
N GLY B 163 29.46 10.17 9.36
CA GLY B 163 29.13 10.03 10.76
C GLY B 163 27.66 9.60 10.86
N VAL B 164 27.06 9.12 9.77
CA VAL B 164 25.64 8.78 9.78
C VAL B 164 25.42 7.27 9.78
N HIS B 165 24.52 6.75 10.61
CA HIS B 165 24.09 5.37 10.51
C HIS B 165 22.56 5.32 10.33
N THR B 166 22.12 4.86 9.17
CA THR B 166 20.64 4.73 8.97
C THR B 166 20.39 3.24 8.96
N PHE B 167 19.63 2.75 9.94
CA PHE B 167 19.41 1.33 10.13
C PHE B 167 18.28 0.77 9.29
N PRO B 168 18.41 -0.51 8.93
CA PRO B 168 17.39 -1.23 8.20
C PRO B 168 16.03 -1.18 8.88
N ALA B 169 14.97 -1.07 8.08
CA ALA B 169 13.63 -1.00 8.67
C ALA B 169 13.26 -2.29 9.39
N VAL B 170 12.52 -2.21 10.49
CA VAL B 170 12.05 -3.42 11.16
C VAL B 170 10.52 -3.37 11.08
N LEU B 171 9.90 -4.52 10.99
CA LEU B 171 8.45 -4.62 10.90
C LEU B 171 7.78 -4.72 12.26
N GLN B 172 7.24 -3.62 12.78
CA GLN B 172 6.52 -3.68 14.06
C GLN B 172 5.07 -3.94 13.69
N SER B 173 4.39 -4.91 14.29
CA SER B 173 3.00 -5.16 13.91
C SER B 173 2.95 -5.29 12.39
N ASP B 174 2.13 -4.50 11.70
CA ASP B 174 2.15 -4.54 10.24
C ASP B 174 2.78 -3.26 9.71
N LEU B 175 3.40 -2.47 10.59
CA LEU B 175 4.07 -1.25 10.14
C LEU B 175 5.59 -1.32 10.29
N TYR B 176 6.31 -0.58 9.45
CA TYR B 176 7.77 -0.52 9.51
C TYR B 176 8.25 0.66 10.35
N THR B 177 9.42 0.48 10.96
CA THR B 177 10.03 1.52 11.76
C THR B 177 11.54 1.56 11.43
N LEU B 178 12.13 2.74 11.41
CA LEU B 178 13.61 2.74 11.26
C LEU B 178 14.11 3.96 12.05
N SER B 179 15.42 3.94 12.26
CA SER B 179 16.05 5.06 12.94
C SER B 179 17.36 5.41 12.24
N SER B 180 17.88 6.61 12.54
CA SER B 180 19.13 7.03 11.95
C SER B 180 19.85 7.87 13.01
N SER B 181 21.17 7.63 13.11
CA SER B 181 21.92 8.48 14.02
C SER B 181 22.91 9.30 13.18
N VAL B 182 23.39 10.41 13.77
CA VAL B 182 24.44 11.16 13.14
C VAL B 182 25.34 11.60 14.32
N THR B 183 26.63 11.49 14.11
CA THR B 183 27.59 11.88 15.16
C THR B 183 28.48 12.98 14.67
N VAL B 184 28.63 14.07 15.40
CA VAL B 184 29.41 15.24 15.12
C VAL B 184 30.19 15.66 16.37
N THR B 185 31.15 16.57 16.15
CA THR B 185 31.89 17.06 17.33
C THR B 185 30.94 17.96 18.09
N SER B 186 31.22 18.25 19.35
CA SER B 186 30.41 19.18 20.12
C SER B 186 30.59 20.63 19.71
N SER B 187 31.66 20.94 18.97
CA SER B 187 31.86 22.31 18.50
C SER B 187 31.07 22.53 17.20
N THR B 188 30.42 21.52 16.69
CA THR B 188 29.59 21.56 15.49
C THR B 188 28.10 21.68 15.84
N TRP B 189 27.57 20.99 16.85
CA TRP B 189 26.11 21.06 17.15
C TRP B 189 25.99 21.27 18.65
N PRO B 190 25.13 22.14 19.14
CA PRO B 190 24.11 22.79 18.35
C PRO B 190 24.42 24.08 17.64
N SER B 191 25.70 24.49 17.58
CA SER B 191 26.05 25.73 16.88
C SER B 191 25.72 25.68 15.41
N GLN B 192 25.73 24.55 14.75
CA GLN B 192 25.31 24.41 13.36
C GLN B 192 24.01 23.61 13.34
N SER B 193 23.08 24.07 12.51
CA SER B 193 21.78 23.42 12.37
C SER B 193 21.93 22.00 11.83
N ILE B 194 21.18 21.06 12.42
CA ILE B 194 21.14 19.67 11.96
C ILE B 194 19.66 19.25 11.96
N THR B 195 19.19 18.88 10.79
CA THR B 195 17.80 18.49 10.62
C THR B 195 17.67 17.13 9.94
N CYS B 196 16.71 16.31 10.39
CA CYS B 196 16.47 15.03 9.74
C CYS B 196 15.40 15.29 8.66
N ASN B 197 15.50 14.70 7.50
CA ASN B 197 14.47 14.88 6.46
C ASN B 197 14.06 13.46 6.04
N VAL B 198 12.73 13.20 5.97
CA VAL B 198 12.25 11.89 5.64
C VAL B 198 11.15 11.97 4.57
N ALA B 199 11.46 11.34 3.46
CA ALA B 199 10.52 11.26 2.36
C ALA B 199 9.91 9.86 2.34
N HIS B 200 8.58 9.84 2.11
CA HIS B 200 7.87 8.59 1.98
C HIS B 200 7.04 8.70 0.68
N PRO B 201 7.64 8.30 -0.43
CA PRO B 201 7.03 8.40 -1.74
C PRO B 201 5.60 7.90 -1.87
N ALA B 202 5.28 6.75 -1.29
CA ALA B 202 3.95 6.16 -1.39
C ALA B 202 2.88 7.05 -0.75
N SER B 203 3.23 7.77 0.33
CA SER B 203 2.22 8.66 0.92
C SER B 203 2.40 10.08 0.40
N SER B 204 3.32 10.29 -0.54
CA SER B 204 3.69 11.61 -1.02
C SER B 204 4.02 12.57 0.11
N THR B 205 4.70 12.12 1.16
CA THR B 205 5.06 13.02 2.26
C THR B 205 6.55 13.30 2.30
N LYS B 206 6.92 14.43 2.85
CA LYS B 206 8.31 14.83 3.10
C LYS B 206 8.25 15.76 4.32
N VAL B 207 8.84 15.35 5.43
CA VAL B 207 8.79 16.09 6.69
C VAL B 207 10.25 16.31 7.16
N ASP B 208 10.47 17.45 7.77
CA ASP B 208 11.73 17.82 8.34
C ASP B 208 11.51 17.87 9.86
N LYS B 209 12.57 17.51 10.56
CA LYS B 209 12.65 17.50 11.99
C LYS B 209 14.02 18.06 12.39
N LYS B 210 13.92 19.31 12.86
CA LYS B 210 15.19 19.92 13.33
C LYS B 210 15.59 19.33 14.67
N ILE B 211 16.89 19.13 14.91
CA ILE B 211 17.29 18.58 16.23
C ILE B 211 17.70 19.74 17.11
N GLU B 212 17.05 19.97 18.25
CA GLU B 212 17.45 21.03 19.16
C GLU B 212 17.78 20.50 20.55
N PRO B 213 18.60 21.16 21.35
CA PRO B 213 18.95 20.66 22.66
C PRO B 213 17.67 20.59 23.49
N ARG B 214 17.48 19.59 24.31
CA ARG B 214 16.24 19.49 25.13
C ARG B 214 16.30 20.48 26.28
N VAL B 215 17.54 20.82 26.61
CA VAL B 215 18.06 21.58 27.72
C VAL B 215 19.12 22.60 27.35
N PRO B 216 19.35 23.66 28.12
CA PRO B 216 20.38 24.64 27.82
C PRO B 216 21.75 24.01 27.67
N ILE B 217 22.45 24.31 26.59
CA ILE B 217 23.77 23.79 26.34
C ILE B 217 24.61 25.01 25.84
N ASP C 1 -34.85 29.23 4.86
CA ASP C 1 -33.54 28.78 5.41
C ASP C 1 -32.41 29.57 4.74
N ILE C 2 -31.26 29.53 5.42
CA ILE C 2 -30.11 30.28 4.93
C ILE C 2 -29.46 29.40 3.87
N GLN C 3 -29.26 29.99 2.70
CA GLN C 3 -28.66 29.22 1.61
C GLN C 3 -27.14 29.53 1.64
N MET C 4 -26.37 28.47 1.50
CA MET C 4 -24.91 28.58 1.47
C MET C 4 -24.45 28.28 0.03
N THR C 5 -23.70 29.23 -0.49
CA THR C 5 -23.18 29.17 -1.84
C THR C 5 -21.69 28.90 -1.76
N GLN C 6 -21.29 27.72 -2.13
CA GLN C 6 -19.86 27.34 -1.99
C GLN C 6 -19.24 27.32 -3.37
N THR C 7 -18.03 27.88 -3.44
CA THR C 7 -17.29 27.91 -4.69
C THR C 7 -15.79 27.72 -4.38
N PRO C 8 -15.07 27.17 -5.33
CA PRO C 8 -15.58 26.60 -6.56
C PRO C 8 -16.15 25.22 -6.29
N SER C 9 -16.90 24.58 -7.22
CA SER C 9 -17.34 23.23 -6.90
C SER C 9 -16.21 22.22 -7.05
N SER C 10 -15.28 22.59 -7.94
CA SER C 10 -14.15 21.67 -8.11
C SER C 10 -12.90 22.52 -8.26
N LEU C 11 -11.78 21.98 -7.88
CA LEU C 11 -10.49 22.71 -7.97
C LEU C 11 -9.36 21.69 -8.03
N SER C 12 -8.43 21.91 -8.92
CA SER C 12 -7.22 21.08 -8.98
C SER C 12 -6.03 21.90 -8.48
N ALA C 13 -5.11 21.32 -7.78
CA ALA C 13 -3.95 22.09 -7.30
C ALA C 13 -2.79 21.12 -7.22
N SER C 14 -1.54 21.60 -7.06
CA SER C 14 -0.43 20.68 -6.94
C SER C 14 0.01 20.66 -5.47
N LEU C 15 0.65 19.57 -5.05
CA LEU C 15 1.18 19.58 -3.69
C LEU C 15 2.03 20.83 -3.47
N GLY C 16 1.88 21.41 -2.28
CA GLY C 16 2.52 22.66 -1.90
C GLY C 16 1.77 23.92 -2.26
N ASP C 17 0.79 23.89 -3.17
CA ASP C 17 0.02 25.05 -3.53
C ASP C 17 -0.92 25.51 -2.40
N ARG C 18 -1.19 26.81 -2.43
CA ARG C 18 -2.12 27.45 -1.53
C ARG C 18 -3.50 27.16 -2.15
N VAL C 19 -4.48 26.82 -1.33
CA VAL C 19 -5.83 26.54 -1.88
C VAL C 19 -6.85 27.37 -1.10
N THR C 20 -7.83 28.01 -1.75
CA THR C 20 -8.82 28.76 -1.00
C THR C 20 -10.23 28.34 -1.48
N ILE C 21 -11.10 28.03 -0.54
CA ILE C 21 -12.48 27.58 -0.86
C ILE C 21 -13.39 28.59 -0.18
N SER C 22 -14.51 28.98 -0.76
CA SER C 22 -15.31 30.03 -0.16
C SER C 22 -16.77 29.58 0.00
N CYS C 23 -17.36 30.17 1.01
CA CYS C 23 -18.76 30.01 1.29
C CYS C 23 -19.34 31.39 1.58
N ARG C 24 -20.51 31.58 0.94
CA ARG C 24 -21.30 32.78 1.13
C ARG C 24 -22.73 32.38 1.54
N ALA C 25 -23.19 33.03 2.58
CA ALA C 25 -24.50 32.79 3.14
C ALA C 25 -25.46 33.87 2.62
N SER C 26 -26.72 33.53 2.54
CA SER C 26 -27.73 34.53 2.12
C SER C 26 -28.15 35.45 3.24
N GLN C 27 -27.83 35.15 4.49
CA GLN C 27 -28.07 36.01 5.62
C GLN C 27 -26.83 36.11 6.50
N ASP C 28 -26.77 37.10 7.39
CA ASP C 28 -25.60 37.09 8.29
C ASP C 28 -25.67 35.84 9.17
N ILE C 29 -24.63 35.07 9.40
CA ILE C 29 -24.67 33.88 10.24
C ILE C 29 -23.81 34.04 11.50
N SER C 30 -23.49 35.29 11.83
CA SER C 30 -22.81 35.66 13.06
C SER C 30 -21.54 34.88 13.33
N HIS C 31 -20.68 34.66 12.33
CA HIS C 31 -19.47 33.87 12.49
C HIS C 31 -19.63 32.38 12.72
N TYR C 32 -20.82 31.79 12.83
CA TYR C 32 -21.00 30.35 12.96
C TYR C 32 -20.88 29.68 11.60
N LEU C 33 -19.63 29.46 11.16
CA LEU C 33 -19.41 28.86 9.85
C LEU C 33 -18.38 27.78 10.06
N ASN C 34 -18.77 26.56 9.74
CA ASN C 34 -18.01 25.38 9.96
C ASN C 34 -17.51 24.74 8.65
N TRP C 35 -16.29 24.22 8.69
CA TRP C 35 -15.74 23.57 7.48
C TRP C 35 -15.52 22.10 7.80
N PHE C 36 -16.05 21.24 6.95
CA PHE C 36 -15.93 19.82 7.04
C PHE C 36 -15.10 19.28 5.87
N GLN C 37 -14.43 18.19 6.13
CA GLN C 37 -13.66 17.46 5.12
C GLN C 37 -14.09 16.01 5.04
N GLN C 38 -14.34 15.50 3.85
CA GLN C 38 -14.84 14.14 3.68
C GLN C 38 -13.95 13.31 2.74
N LYS C 39 -13.58 12.11 3.19
CA LYS C 39 -12.71 11.26 2.38
C LYS C 39 -13.57 10.24 1.63
N PRO C 40 -13.00 9.65 0.60
CA PRO C 40 -13.66 8.67 -0.24
C PRO C 40 -14.28 7.48 0.49
N ASP C 41 -13.74 7.06 1.62
CA ASP C 41 -14.29 5.97 2.42
C ASP C 41 -15.46 6.45 3.25
N GLY C 42 -15.88 7.70 3.06
CA GLY C 42 -16.97 8.39 3.69
C GLY C 42 -16.65 8.99 5.03
N THR C 43 -15.43 8.92 5.52
CA THR C 43 -15.06 9.51 6.80
C THR C 43 -15.31 11.01 6.76
N VAL C 44 -15.87 11.64 7.76
CA VAL C 44 -16.06 13.09 7.79
C VAL C 44 -15.42 13.64 9.06
N LYS C 45 -14.69 14.76 8.97
CA LYS C 45 -14.15 15.43 10.13
C LYS C 45 -14.52 16.91 10.04
N LEU C 46 -14.70 17.49 11.22
CA LEU C 46 -14.90 18.92 11.34
C LEU C 46 -13.47 19.49 11.45
N LEU C 47 -13.14 20.38 10.51
CA LEU C 47 -11.78 20.92 10.57
C LEU C 47 -11.69 22.22 11.34
N ILE C 48 -12.63 23.12 11.03
CA ILE C 48 -12.65 24.47 11.54
C ILE C 48 -14.09 24.86 11.92
N TYR C 49 -14.27 25.50 13.07
CA TYR C 49 -15.62 25.95 13.44
C TYR C 49 -15.49 27.38 13.93
N TYR C 50 -16.67 28.04 13.96
CA TYR C 50 -16.80 29.41 14.33
C TYR C 50 -15.81 30.23 13.50
N THR C 51 -15.84 30.04 12.20
CA THR C 51 -15.06 30.64 11.15
C THR C 51 -13.58 30.30 11.12
N SER C 52 -12.95 30.36 12.28
CA SER C 52 -11.48 30.25 12.30
C SER C 52 -10.86 29.43 13.37
N THR C 53 -11.64 28.71 14.17
CA THR C 53 -11.11 27.86 15.22
C THR C 53 -10.79 26.48 14.75
N LEU C 54 -9.49 26.07 14.84
CA LEU C 54 -9.14 24.75 14.39
C LEU C 54 -9.61 23.66 15.35
N HIS C 55 -10.15 22.57 14.85
CA HIS C 55 -10.59 21.52 15.79
C HIS C 55 -9.34 20.76 16.25
N SER C 56 -9.49 19.95 17.29
CA SER C 56 -8.45 19.12 17.84
C SER C 56 -7.70 18.33 16.78
N GLY C 57 -6.36 18.42 16.76
CA GLY C 57 -5.57 17.66 15.83
C GLY C 57 -5.45 18.21 14.44
N VAL C 58 -6.22 19.24 14.08
CA VAL C 58 -6.07 19.75 12.69
C VAL C 58 -4.73 20.45 12.52
N PRO C 59 -4.08 20.24 11.38
CA PRO C 59 -2.76 20.83 11.14
C PRO C 59 -2.80 22.31 10.92
N SER C 60 -1.67 23.01 11.27
CA SER C 60 -1.63 24.44 11.18
C SER C 60 -1.65 25.01 9.80
N ARG C 61 -1.56 24.25 8.73
CA ARG C 61 -1.69 24.75 7.37
C ARG C 61 -3.15 25.14 7.04
N PHE C 62 -4.08 24.70 7.92
CA PHE C 62 -5.46 25.10 7.66
C PHE C 62 -5.75 26.43 8.36
N SER C 63 -6.60 27.25 7.77
CA SER C 63 -7.08 28.41 8.51
C SER C 63 -8.40 28.85 7.87
N GLY C 64 -9.19 29.60 8.61
CA GLY C 64 -10.43 30.11 7.99
C GLY C 64 -10.55 31.59 8.26
N SER C 65 -11.34 32.28 7.43
CA SER C 65 -11.57 33.69 7.68
C SER C 65 -13.00 34.02 7.19
N GLY C 66 -13.39 35.19 7.67
CA GLY C 66 -14.65 35.76 7.22
C GLY C 66 -15.45 36.39 8.35
N SER C 67 -16.60 36.96 7.96
CA SER C 67 -17.58 37.49 8.89
C SER C 67 -18.84 37.83 8.08
N GLY C 68 -19.89 38.16 8.81
CA GLY C 68 -21.15 38.53 8.10
C GLY C 68 -21.69 37.31 7.33
N THR C 69 -21.55 37.39 6.04
CA THR C 69 -22.01 36.46 5.00
C THR C 69 -20.91 35.79 4.24
N ASP C 70 -19.67 36.25 4.33
CA ASP C 70 -18.57 35.87 3.46
C ASP C 70 -17.41 35.16 4.17
N TYR C 71 -17.28 33.87 3.86
CA TYR C 71 -16.30 33.06 4.60
C TYR C 71 -15.35 32.31 3.68
N SER C 72 -14.13 31.99 4.17
CA SER C 72 -13.20 31.21 3.38
C SER C 72 -12.34 30.24 4.25
N LEU C 73 -11.96 29.18 3.60
CA LEU C 73 -11.10 28.17 4.17
C LEU C 73 -9.82 28.23 3.33
N THR C 74 -8.67 28.21 4.02
CA THR C 74 -7.43 28.24 3.20
C THR C 74 -6.48 27.13 3.64
N ILE C 75 -5.76 26.49 2.74
CA ILE C 75 -4.73 25.50 3.04
C ILE C 75 -3.47 26.16 2.47
N SER C 76 -2.55 26.55 3.35
CA SER C 76 -1.40 27.31 2.86
C SER C 76 -0.53 26.51 1.89
N ASN C 77 -0.27 25.25 2.17
CA ASN C 77 0.65 24.43 1.38
C ASN C 77 0.01 23.04 1.31
N LEU C 78 -0.62 22.74 0.17
CA LEU C 78 -1.40 21.48 0.11
C LEU C 78 -0.59 20.23 0.33
N GLU C 79 -1.11 19.28 1.10
CA GLU C 79 -0.52 17.94 1.16
C GLU C 79 -1.46 16.94 0.51
N GLU C 80 -0.98 15.75 0.21
CA GLU C 80 -1.79 14.72 -0.38
C GLU C 80 -2.98 14.33 0.51
N GLU C 81 -2.85 14.29 1.82
CA GLU C 81 -3.96 13.86 2.67
C GLU C 81 -5.09 14.87 2.69
N ASP C 82 -4.89 16.06 2.14
CA ASP C 82 -5.89 17.09 2.05
C ASP C 82 -6.78 16.94 0.83
N ILE C 83 -6.41 16.06 -0.09
CA ILE C 83 -7.22 15.84 -1.29
C ILE C 83 -8.48 15.20 -0.79
N ALA C 84 -9.59 15.91 -0.96
CA ALA C 84 -10.83 15.49 -0.34
C ALA C 84 -11.97 16.39 -0.85
N PHE C 85 -13.12 16.06 -0.30
CA PHE C 85 -14.34 16.80 -0.54
C PHE C 85 -14.60 17.69 0.68
N TYR C 86 -14.72 18.97 0.49
CA TYR C 86 -14.92 19.94 1.52
C TYR C 86 -16.33 20.54 1.44
N PHE C 87 -16.92 20.76 2.59
CA PHE C 87 -18.25 21.43 2.61
C PHE C 87 -18.36 22.26 3.86
N CYS C 88 -18.98 23.44 3.75
CA CYS C 88 -19.22 24.29 4.87
C CYS C 88 -20.66 23.99 5.39
N GLN C 89 -20.90 24.43 6.61
CA GLN C 89 -22.23 24.34 7.22
C GLN C 89 -22.39 25.64 8.02
N GLN C 90 -23.51 26.36 7.89
CA GLN C 90 -23.73 27.49 8.75
C GLN C 90 -24.40 26.89 10.00
N GLY C 91 -24.02 27.47 11.13
CA GLY C 91 -24.60 27.02 12.41
C GLY C 91 -25.24 28.23 13.07
N GLY C 92 -25.53 29.29 12.31
CA GLY C 92 -26.04 30.53 12.89
C GLY C 92 -27.59 30.49 13.05
N ALA C 93 -28.25 29.54 12.40
CA ALA C 93 -29.70 29.51 12.51
C ALA C 93 -30.21 28.14 12.09
N LEU C 94 -31.34 27.75 12.68
CA LEU C 94 -32.01 26.50 12.35
C LEU C 94 -32.97 26.79 11.20
N PRO C 95 -33.15 25.82 10.34
CA PRO C 95 -32.46 24.55 10.37
C PRO C 95 -31.04 24.72 9.84
N PHE C 96 -30.02 24.02 10.37
CA PHE C 96 -28.69 24.23 9.82
C PHE C 96 -28.61 23.80 8.37
N THR C 97 -27.77 24.45 7.57
CA THR C 97 -27.63 24.18 6.15
C THR C 97 -26.16 24.09 5.70
N PHE C 98 -25.94 23.41 4.60
CA PHE C 98 -24.69 23.09 4.01
C PHE C 98 -24.40 23.76 2.67
N GLY C 99 -23.11 23.97 2.39
CA GLY C 99 -22.75 24.49 1.05
C GLY C 99 -22.78 23.23 0.17
N SER C 100 -22.64 23.34 -1.13
CA SER C 100 -22.61 22.33 -2.14
C SER C 100 -21.33 21.53 -2.35
N GLY C 101 -20.27 22.00 -1.70
CA GLY C 101 -19.05 21.16 -1.68
C GLY C 101 -18.00 21.64 -2.69
N THR C 102 -16.75 21.24 -2.37
CA THR C 102 -15.66 21.54 -3.33
C THR C 102 -14.88 20.23 -3.44
N LYS C 103 -14.75 19.65 -4.61
CA LYS C 103 -13.98 18.42 -4.78
C LYS C 103 -12.54 18.91 -5.08
N LEU C 104 -11.62 18.69 -4.15
CA LEU C 104 -10.25 19.17 -4.41
C LEU C 104 -9.47 17.98 -4.98
N ALA C 105 -8.87 18.12 -6.12
CA ALA C 105 -8.12 17.10 -6.83
C ALA C 105 -6.68 17.59 -7.13
N ILE C 106 -5.91 16.64 -7.59
CA ILE C 106 -4.51 16.83 -7.96
C ILE C 106 -4.43 17.27 -9.42
N LYS C 107 -3.64 18.31 -9.65
CA LYS C 107 -3.42 18.75 -11.02
C LYS C 107 -2.28 17.95 -11.63
N ARG C 108 -2.41 17.56 -12.87
CA ARG C 108 -1.35 16.85 -13.60
C ARG C 108 -1.48 17.46 -14.99
N ALA C 109 -0.63 17.04 -15.90
CA ALA C 109 -0.70 17.53 -17.26
C ALA C 109 -1.78 16.77 -18.03
N ASP C 110 -2.41 17.45 -18.97
CA ASP C 110 -3.38 16.79 -19.84
C ASP C 110 -2.81 15.49 -20.43
N ALA C 111 -3.72 14.53 -20.57
CA ALA C 111 -3.42 13.22 -21.15
C ALA C 111 -4.69 12.81 -21.90
N ALA C 112 -4.50 12.43 -23.17
CA ALA C 112 -5.65 12.10 -24.00
C ALA C 112 -6.21 10.76 -23.55
N PRO C 113 -7.50 10.56 -23.67
CA PRO C 113 -8.04 9.24 -23.28
C PRO C 113 -7.59 8.13 -24.21
N THR C 114 -7.23 6.95 -23.71
CA THR C 114 -6.95 5.76 -24.50
C THR C 114 -8.35 5.16 -24.72
N VAL C 115 -8.85 5.13 -25.95
CA VAL C 115 -10.24 4.69 -26.15
C VAL C 115 -10.30 3.30 -26.76
N SER C 116 -11.16 2.43 -26.22
CA SER C 116 -11.30 1.08 -26.76
C SER C 116 -12.80 0.75 -26.85
N ILE C 117 -13.27 0.22 -27.97
CA ILE C 117 -14.65 -0.16 -28.20
C ILE C 117 -14.71 -1.68 -28.31
N PHE C 118 -15.79 -2.26 -27.76
CA PHE C 118 -15.92 -3.71 -27.70
C PHE C 118 -17.31 -4.09 -28.18
N PRO C 119 -17.40 -5.12 -28.99
CA PRO C 119 -18.64 -5.63 -29.53
C PRO C 119 -19.34 -6.53 -28.52
N PRO C 120 -20.61 -6.80 -28.79
CA PRO C 120 -21.45 -7.60 -27.90
C PRO C 120 -20.97 -9.04 -27.91
N SER C 121 -21.12 -9.78 -26.82
CA SER C 121 -20.62 -11.15 -26.82
C SER C 121 -21.75 -12.07 -27.30
N SER C 122 -21.44 -13.25 -27.79
CA SER C 122 -22.49 -14.20 -28.14
C SER C 122 -23.27 -14.56 -26.87
N GLU C 123 -22.64 -14.56 -25.69
CA GLU C 123 -23.33 -14.84 -24.44
C GLU C 123 -24.51 -13.89 -24.29
N GLN C 124 -24.28 -12.61 -24.58
CA GLN C 124 -25.32 -11.61 -24.41
C GLN C 124 -26.36 -11.67 -25.51
N LEU C 125 -25.87 -11.91 -26.72
CA LEU C 125 -26.71 -12.01 -27.90
C LEU C 125 -27.67 -13.17 -27.75
N THR C 126 -27.20 -14.33 -27.25
CA THR C 126 -28.08 -15.47 -27.03
C THR C 126 -29.22 -15.14 -26.07
N SER C 127 -29.03 -14.25 -25.10
CA SER C 127 -30.06 -13.86 -24.15
C SER C 127 -31.01 -12.77 -24.62
N GLY C 128 -30.89 -12.22 -25.82
CA GLY C 128 -31.77 -11.19 -26.33
C GLY C 128 -31.25 -9.75 -26.25
N GLY C 129 -30.04 -9.54 -25.73
CA GLY C 129 -29.56 -8.14 -25.70
C GLY C 129 -28.26 -7.97 -26.46
N ALA C 130 -27.77 -6.71 -26.49
CA ALA C 130 -26.48 -6.49 -27.17
C ALA C 130 -25.81 -5.27 -26.53
N SER C 131 -24.69 -5.47 -25.83
CA SER C 131 -24.08 -4.30 -25.19
C SER C 131 -22.80 -3.95 -25.90
N VAL C 132 -22.63 -2.68 -26.21
CA VAL C 132 -21.41 -2.23 -26.88
C VAL C 132 -20.70 -1.32 -25.87
N VAL C 133 -19.45 -1.68 -25.52
CA VAL C 133 -18.86 -0.77 -24.52
C VAL C 133 -17.56 -0.15 -25.01
N CYS C 134 -17.34 1.05 -24.46
CA CYS C 134 -16.14 1.81 -24.72
C CYS C 134 -15.51 2.36 -23.45
N PHE C 135 -14.25 2.00 -23.25
CA PHE C 135 -13.47 2.50 -22.13
C PHE C 135 -12.69 3.76 -22.58
N LEU C 136 -12.91 4.86 -21.86
CA LEU C 136 -12.21 6.14 -22.10
C LEU C 136 -11.21 6.24 -20.93
N ASN C 137 -10.02 5.68 -21.10
CA ASN C 137 -9.07 5.49 -20.03
C ASN C 137 -7.91 6.49 -19.92
N ASN C 138 -7.53 6.65 -18.64
CA ASN C 138 -6.47 7.52 -18.18
C ASN C 138 -6.35 8.86 -18.87
N PHE C 139 -7.30 9.74 -18.69
CA PHE C 139 -7.32 11.09 -19.20
C PHE C 139 -7.35 12.18 -18.12
N TYR C 140 -7.05 13.41 -18.49
CA TYR C 140 -7.02 14.61 -17.67
C TYR C 140 -7.07 15.83 -18.57
N PRO C 141 -7.95 16.79 -18.35
CA PRO C 141 -8.75 16.88 -17.17
C PRO C 141 -9.98 15.97 -17.06
N LYS C 142 -10.83 16.22 -16.06
CA LYS C 142 -11.94 15.29 -15.78
C LYS C 142 -13.15 15.42 -16.69
N ASP C 143 -13.39 16.62 -17.19
CA ASP C 143 -14.50 16.76 -18.14
C ASP C 143 -14.18 15.95 -19.40
N ILE C 144 -15.21 15.19 -19.82
CA ILE C 144 -15.06 14.37 -21.01
C ILE C 144 -16.43 14.03 -21.55
N ASN C 145 -16.53 13.96 -22.88
CA ASN C 145 -17.80 13.60 -23.45
C ASN C 145 -17.70 12.36 -24.34
N VAL C 146 -18.71 11.51 -24.21
CA VAL C 146 -18.75 10.32 -25.08
C VAL C 146 -20.02 10.42 -25.91
N LYS C 147 -19.88 10.20 -27.22
CA LYS C 147 -21.02 10.22 -28.14
C LYS C 147 -21.12 8.86 -28.81
N TRP C 148 -22.29 8.25 -28.76
CA TRP C 148 -22.56 6.97 -29.38
C TRP C 148 -23.25 7.12 -30.71
N LYS C 149 -22.75 6.46 -31.75
CA LYS C 149 -23.46 6.55 -33.03
C LYS C 149 -23.79 5.17 -33.58
N ILE C 150 -25.02 5.02 -34.07
CA ILE C 150 -25.40 3.75 -34.72
C ILE C 150 -25.73 4.08 -36.17
N ASP C 151 -24.86 3.59 -37.06
CA ASP C 151 -24.97 3.84 -38.49
C ASP C 151 -24.63 5.28 -38.87
N GLY C 152 -23.99 6.01 -37.97
CA GLY C 152 -23.65 7.41 -38.15
C GLY C 152 -24.66 8.35 -37.50
N SER C 153 -25.81 7.88 -37.05
CA SER C 153 -26.83 8.70 -36.40
C SER C 153 -26.58 8.67 -34.89
N GLU C 154 -26.90 9.76 -34.20
CA GLU C 154 -26.66 9.87 -32.77
C GLU C 154 -27.66 9.05 -31.96
N ARG C 155 -27.17 8.37 -30.93
CA ARG C 155 -28.03 7.55 -30.06
C ARG C 155 -27.89 7.96 -28.60
N GLN C 156 -28.99 8.44 -28.01
CA GLN C 156 -29.02 8.88 -26.62
C GLN C 156 -29.64 7.87 -25.66
N ASN C 157 -30.74 7.18 -25.98
CA ASN C 157 -31.30 6.23 -25.00
C ASN C 157 -30.46 4.97 -24.87
N GLY C 158 -30.40 4.44 -23.64
CA GLY C 158 -29.77 3.15 -23.41
C GLY C 158 -28.28 3.20 -23.17
N VAL C 159 -27.79 4.39 -22.86
CA VAL C 159 -26.36 4.54 -22.54
C VAL C 159 -26.19 4.55 -21.01
N LEU C 160 -25.24 3.81 -20.48
CA LEU C 160 -24.98 3.81 -19.05
C LEU C 160 -23.51 4.13 -18.78
N ASP C 161 -23.27 5.31 -18.19
CA ASP C 161 -21.89 5.73 -17.91
C ASP C 161 -21.49 5.59 -16.45
N SER C 162 -20.20 5.33 -16.24
CA SER C 162 -19.64 5.24 -14.90
C SER C 162 -18.23 5.86 -14.95
N TRP C 163 -17.88 6.59 -13.90
CA TRP C 163 -16.58 7.29 -13.87
C TRP C 163 -15.72 6.88 -12.69
N THR C 164 -14.43 6.63 -12.88
CA THR C 164 -13.62 6.32 -11.71
C THR C 164 -13.32 7.65 -11.02
N ASP C 165 -12.90 7.55 -9.76
CA ASP C 165 -12.39 8.71 -9.03
C ASP C 165 -10.94 8.91 -9.56
N GLN C 166 -10.37 10.04 -9.27
CA GLN C 166 -8.98 10.31 -9.63
C GLN C 166 -8.02 9.23 -9.16
N ASP C 167 -7.16 8.72 -10.06
CA ASP C 167 -6.20 7.67 -9.75
C ASP C 167 -5.15 8.19 -8.77
N SER C 168 -4.87 7.36 -7.79
CA SER C 168 -3.87 7.59 -6.77
C SER C 168 -2.44 7.62 -7.27
N LYS C 169 -2.19 7.14 -8.47
CA LYS C 169 -0.83 7.05 -9.02
C LYS C 169 -0.55 8.00 -10.16
N ASP C 170 -1.41 8.02 -11.18
CA ASP C 170 -1.11 8.93 -12.29
C ASP C 170 -2.00 10.15 -12.30
N SER C 171 -2.90 10.27 -11.30
CA SER C 171 -3.81 11.42 -11.23
C SER C 171 -4.78 11.53 -12.38
N THR C 172 -4.95 10.49 -13.18
CA THR C 172 -5.84 10.55 -14.32
C THR C 172 -7.22 10.03 -13.90
N TYR C 173 -8.18 10.25 -14.77
CA TYR C 173 -9.57 9.87 -14.63
C TYR C 173 -9.93 8.85 -15.74
N SER C 174 -10.88 7.95 -15.46
CA SER C 174 -11.30 6.97 -16.45
C SER C 174 -12.83 6.88 -16.45
N MET C 175 -13.36 6.40 -17.57
CA MET C 175 -14.82 6.30 -17.68
C MET C 175 -15.18 5.08 -18.56
N SER C 176 -16.32 4.54 -18.20
CA SER C 176 -16.92 3.41 -18.89
C SER C 176 -18.23 3.91 -19.50
N SER C 177 -18.46 3.65 -20.76
CA SER C 177 -19.73 4.03 -21.37
C SER C 177 -20.28 2.77 -22.07
N THR C 178 -21.53 2.42 -21.77
CA THR C 178 -22.05 1.16 -22.31
C THR C 178 -23.37 1.45 -23.06
N LEU C 179 -23.37 1.02 -24.33
CA LEU C 179 -24.64 1.26 -25.05
C LEU C 179 -25.41 -0.06 -25.08
N THR C 180 -26.62 -0.09 -24.54
CA THR C 180 -27.33 -1.38 -24.50
C THR C 180 -28.55 -1.38 -25.42
N LEU C 181 -28.62 -2.40 -26.28
CA LEU C 181 -29.70 -2.54 -27.23
C LEU C 181 -30.29 -3.98 -27.15
N THR C 182 -31.46 -4.15 -27.76
CA THR C 182 -32.03 -5.50 -27.80
C THR C 182 -31.23 -6.18 -28.91
N LYS C 183 -31.21 -7.51 -28.95
CA LYS C 183 -30.44 -8.16 -30.01
C LYS C 183 -31.02 -7.84 -31.39
N ASP C 184 -32.35 -7.86 -31.52
CA ASP C 184 -32.91 -7.59 -32.86
C ASP C 184 -32.61 -6.16 -33.28
N GLU C 185 -32.65 -5.18 -32.39
CA GLU C 185 -32.24 -3.82 -32.74
C GLU C 185 -30.77 -3.74 -33.17
N TYR C 186 -29.92 -4.50 -32.47
CA TYR C 186 -28.49 -4.53 -32.80
C TYR C 186 -28.29 -5.13 -34.19
N GLU C 187 -29.07 -6.16 -34.55
CA GLU C 187 -29.01 -6.80 -35.84
C GLU C 187 -29.58 -5.99 -37.00
N ARG C 188 -30.37 -4.97 -36.73
CA ARG C 188 -30.88 -4.09 -37.76
C ARG C 188 -29.87 -3.10 -38.30
N HIS C 189 -28.76 -2.85 -37.62
CA HIS C 189 -27.78 -1.87 -38.07
C HIS C 189 -26.38 -2.46 -38.22
N ASN C 190 -25.48 -1.71 -38.88
CA ASN C 190 -24.15 -2.26 -39.05
C ASN C 190 -23.01 -1.56 -38.32
N SER C 191 -22.89 -0.23 -38.36
CA SER C 191 -21.75 0.42 -37.71
C SER C 191 -22.04 0.96 -36.33
N TYR C 192 -21.10 0.69 -35.41
CA TYR C 192 -21.28 1.10 -34.00
C TYR C 192 -20.05 1.92 -33.61
N THR C 193 -20.24 3.16 -33.20
CA THR C 193 -19.10 4.00 -32.90
C THR C 193 -19.19 4.81 -31.60
N CYS C 194 -18.09 4.93 -30.87
CA CYS C 194 -18.03 5.85 -29.76
C CYS C 194 -17.09 7.03 -30.14
N GLU C 195 -17.50 8.24 -29.79
CA GLU C 195 -16.59 9.37 -30.07
C GLU C 195 -16.19 10.04 -28.76
N ALA C 196 -14.92 10.01 -28.39
CA ALA C 196 -14.52 10.64 -27.11
C ALA C 196 -14.09 12.09 -27.42
N THR C 197 -14.78 13.02 -26.81
CA THR C 197 -14.51 14.44 -26.94
C THR C 197 -13.95 14.94 -25.61
N HIS C 198 -12.71 15.39 -25.68
CA HIS C 198 -11.92 15.87 -24.57
C HIS C 198 -11.04 17.03 -25.03
N LYS C 199 -10.72 17.91 -24.10
CA LYS C 199 -9.87 19.08 -24.41
C LYS C 199 -8.51 18.75 -24.96
N THR C 200 -7.94 17.55 -24.86
CA THR C 200 -6.65 17.24 -25.44
C THR C 200 -6.62 17.21 -26.96
N SER C 201 -7.75 17.29 -27.65
CA SER C 201 -7.77 17.30 -29.11
C SER C 201 -8.95 18.14 -29.58
N THR C 202 -8.85 18.68 -30.79
CA THR C 202 -9.82 19.57 -31.41
C THR C 202 -10.94 18.76 -32.06
N SER C 203 -10.54 17.56 -32.46
CA SER C 203 -11.36 16.53 -33.07
C SER C 203 -11.49 15.33 -32.14
N PRO C 204 -12.67 14.74 -32.05
CA PRO C 204 -12.93 13.59 -31.19
C PRO C 204 -12.12 12.36 -31.53
N ILE C 205 -11.92 11.49 -30.53
CA ILE C 205 -11.21 10.23 -30.76
C ILE C 205 -12.35 9.27 -31.11
N VAL C 206 -12.37 8.65 -32.29
CA VAL C 206 -13.51 7.79 -32.60
C VAL C 206 -13.01 6.36 -32.83
N LYS C 207 -13.79 5.51 -32.16
CA LYS C 207 -13.56 4.07 -32.28
C LYS C 207 -14.84 3.44 -32.79
N SER C 208 -14.73 2.49 -33.71
CA SER C 208 -15.95 1.85 -34.20
C SER C 208 -15.64 0.46 -34.78
N PHE C 209 -16.74 -0.21 -35.11
CA PHE C 209 -16.70 -1.52 -35.70
C PHE C 209 -18.05 -1.75 -36.39
N ASN C 210 -18.00 -2.71 -37.29
CA ASN C 210 -19.13 -3.09 -38.13
C ASN C 210 -19.63 -4.47 -37.77
N ARG C 211 -20.88 -4.78 -37.57
CA ARG C 211 -21.27 -6.20 -37.30
C ARG C 211 -20.57 -7.01 -38.37
N ASN C 212 -19.34 -7.52 -38.23
CA ASN C 212 -18.56 -8.03 -39.35
C ASN C 212 -17.06 -8.18 -39.29
N GLU C 213 -16.24 -7.16 -39.04
CA GLU C 213 -14.81 -7.29 -39.27
C GLU C 213 -14.10 -8.44 -38.56
N CYS C 214 -12.93 -8.69 -39.11
CA CYS C 214 -11.85 -9.57 -38.94
C CYS C 214 -12.19 -11.05 -38.71
N ASP D 1 13.97 -35.48 3.44
CA ASP D 1 14.85 -34.71 2.51
C ASP D 1 16.28 -34.70 3.05
N ILE D 2 17.22 -34.12 2.31
CA ILE D 2 18.62 -34.08 2.70
C ILE D 2 18.95 -32.71 3.26
N GLN D 3 19.39 -32.75 4.51
CA GLN D 3 19.73 -31.53 5.21
C GLN D 3 21.22 -31.18 5.04
N MET D 4 21.38 -29.90 4.73
CA MET D 4 22.69 -29.29 4.51
C MET D 4 22.98 -28.36 5.70
N THR D 5 24.07 -28.69 6.39
CA THR D 5 24.54 -27.90 7.53
C THR D 5 25.81 -27.17 7.08
N GLN D 6 25.73 -25.87 6.95
CA GLN D 6 26.86 -25.08 6.49
C GLN D 6 27.62 -24.47 7.66
N THR D 7 28.96 -24.50 7.60
CA THR D 7 29.75 -23.93 8.69
C THR D 7 31.04 -23.32 8.09
N PRO D 8 31.45 -22.22 8.66
CA PRO D 8 30.81 -21.55 9.76
C PRO D 8 29.70 -20.66 9.24
N SER D 9 28.95 -20.03 10.12
CA SER D 9 27.91 -19.09 9.68
C SER D 9 28.53 -17.76 9.30
N SER D 10 29.72 -17.43 9.84
CA SER D 10 30.33 -16.16 9.47
C SER D 10 31.87 -16.27 9.62
N LEU D 11 32.54 -15.46 8.83
CA LEU D 11 34.01 -15.48 8.79
C LEU D 11 34.52 -14.08 8.60
N SER D 12 35.57 -13.63 9.26
CA SER D 12 36.12 -12.31 9.02
C SER D 12 37.57 -12.56 8.57
N ALA D 13 37.92 -12.09 7.42
CA ALA D 13 39.25 -12.33 6.84
C ALA D 13 39.81 -11.06 6.25
N SER D 14 41.14 -11.08 5.99
CA SER D 14 41.88 -9.97 5.41
C SER D 14 42.12 -10.31 3.95
N LEU D 15 42.27 -9.34 3.08
CA LEU D 15 42.53 -9.62 1.66
C LEU D 15 43.89 -10.32 1.65
N GLY D 16 44.03 -11.36 0.87
CA GLY D 16 45.24 -12.16 0.79
C GLY D 16 45.08 -13.47 1.56
N ASP D 17 44.11 -13.50 2.49
CA ASP D 17 43.88 -14.73 3.24
C ASP D 17 43.28 -15.85 2.41
N ARG D 18 43.41 -17.05 2.97
CA ARG D 18 42.80 -18.26 2.57
C ARG D 18 41.65 -18.58 3.56
N VAL D 19 40.46 -18.72 2.95
CA VAL D 19 39.24 -19.04 3.72
C VAL D 19 38.66 -20.35 3.26
N THR D 20 38.15 -21.13 4.18
CA THR D 20 37.49 -22.44 3.89
C THR D 20 36.07 -22.40 4.46
N ILE D 21 35.11 -22.92 3.69
CA ILE D 21 33.71 -22.95 4.07
C ILE D 21 33.23 -24.40 3.98
N SER D 22 32.51 -24.91 4.98
CA SER D 22 32.12 -26.32 4.87
C SER D 22 30.66 -26.58 4.58
N CYS D 23 30.34 -27.66 3.88
CA CYS D 23 28.93 -28.07 3.80
C CYS D 23 28.84 -29.56 4.17
N ARG D 24 27.91 -29.87 5.10
CA ARG D 24 27.80 -31.27 5.54
C ARG D 24 26.36 -31.72 5.28
N ALA D 25 26.20 -32.78 4.51
CA ALA D 25 24.90 -33.33 4.15
C ALA D 25 24.49 -34.54 5.01
N SER D 26 23.20 -34.92 4.90
CA SER D 26 22.81 -36.12 5.64
C SER D 26 23.06 -37.39 4.84
N GLN D 27 23.32 -37.47 3.54
CA GLN D 27 23.54 -38.80 2.98
C GLN D 27 24.22 -38.88 1.64
N ASP D 28 25.41 -39.47 1.64
CA ASP D 28 26.18 -39.60 0.42
C ASP D 28 25.48 -38.83 -0.70
N ILE D 29 25.66 -37.50 -0.76
CA ILE D 29 25.04 -36.72 -1.84
C ILE D 29 25.76 -36.92 -3.15
N SER D 30 26.65 -37.89 -3.20
CA SER D 30 27.39 -38.42 -4.32
C SER D 30 28.13 -37.36 -5.10
N HIS D 31 28.88 -36.48 -4.42
CA HIS D 31 29.68 -35.47 -5.12
C HIS D 31 28.84 -34.34 -5.70
N TYR D 32 27.50 -34.36 -5.59
CA TYR D 32 26.68 -33.33 -6.17
C TYR D 32 26.45 -32.19 -5.18
N LEU D 33 27.50 -31.43 -4.95
CA LEU D 33 27.51 -30.26 -4.07
C LEU D 33 27.91 -29.07 -4.90
N ASN D 34 27.16 -27.99 -4.90
CA ASN D 34 27.41 -26.78 -5.68
C ASN D 34 27.66 -25.56 -4.77
N TRP D 35 28.57 -24.67 -5.16
CA TRP D 35 28.84 -23.47 -4.35
C TRP D 35 28.40 -22.20 -5.01
N PHE D 36 27.60 -21.38 -4.31
CA PHE D 36 27.16 -20.11 -4.84
C PHE D 36 27.64 -18.94 -3.97
N GLN D 37 27.70 -17.79 -4.60
CA GLN D 37 28.10 -16.51 -4.05
C GLN D 37 27.06 -15.44 -4.31
N GLN D 38 26.63 -14.75 -3.28
CA GLN D 38 25.61 -13.74 -3.30
C GLN D 38 26.09 -12.41 -2.70
N LYS D 39 25.84 -11.39 -3.50
CA LYS D 39 26.22 -10.00 -3.17
C LYS D 39 25.07 -9.21 -2.57
N PRO D 40 25.37 -8.15 -1.83
CA PRO D 40 24.40 -7.30 -1.18
C PRO D 40 23.28 -6.75 -2.02
N ASP D 41 23.41 -6.66 -3.33
CA ASP D 41 22.36 -6.17 -4.22
C ASP D 41 21.47 -7.31 -4.69
N GLY D 42 21.70 -8.51 -4.17
CA GLY D 42 20.99 -9.70 -4.52
C GLY D 42 21.47 -10.58 -5.63
N THR D 43 22.49 -10.15 -6.41
CA THR D 43 22.96 -11.01 -7.49
C THR D 43 23.61 -12.27 -6.94
N VAL D 44 23.40 -13.40 -7.63
CA VAL D 44 23.88 -14.72 -7.30
C VAL D 44 24.63 -15.40 -8.43
N LYS D 45 25.85 -15.89 -8.25
CA LYS D 45 26.63 -16.59 -9.24
C LYS D 45 26.98 -18.00 -8.80
N LEU D 46 26.93 -19.01 -9.66
CA LEU D 46 27.39 -20.35 -9.35
C LEU D 46 28.92 -20.26 -9.48
N LEU D 47 29.66 -20.71 -8.48
CA LEU D 47 31.13 -20.66 -8.63
C LEU D 47 31.69 -22.00 -9.03
N ILE D 48 31.32 -23.03 -8.31
CA ILE D 48 31.78 -24.40 -8.38
C ILE D 48 30.60 -25.40 -8.34
N TYR D 49 30.70 -26.46 -9.14
CA TYR D 49 29.71 -27.51 -9.14
C TYR D 49 30.35 -28.89 -9.20
N TYR D 50 29.53 -29.83 -8.79
CA TYR D 50 29.94 -31.21 -8.64
C TYR D 50 31.21 -31.22 -7.76
N THR D 51 31.18 -30.60 -6.60
CA THR D 51 32.33 -30.58 -5.69
C THR D 51 33.54 -29.78 -6.14
N SER D 52 34.13 -30.02 -7.31
CA SER D 52 35.37 -29.35 -7.68
C SER D 52 35.44 -28.62 -8.99
N THR D 53 34.35 -28.71 -9.79
CA THR D 53 34.42 -28.10 -11.11
C THR D 53 34.08 -26.65 -11.11
N LEU D 54 35.06 -25.84 -11.55
CA LEU D 54 34.87 -24.40 -11.61
C LEU D 54 33.95 -23.97 -12.76
N HIS D 55 33.04 -23.05 -12.45
CA HIS D 55 32.11 -22.57 -13.45
C HIS D 55 32.80 -21.56 -14.36
N SER D 56 32.27 -21.30 -15.56
CA SER D 56 32.88 -20.37 -16.50
C SER D 56 33.24 -19.04 -15.89
N GLY D 57 34.49 -18.58 -16.12
CA GLY D 57 34.97 -17.29 -15.61
C GLY D 57 35.32 -17.28 -14.11
N VAL D 58 35.14 -18.32 -13.34
CA VAL D 58 35.51 -18.26 -11.90
C VAL D 58 37.02 -18.33 -11.80
N PRO D 59 37.68 -17.42 -11.10
CA PRO D 59 39.17 -17.43 -11.04
C PRO D 59 39.67 -18.63 -10.30
N SER D 60 40.93 -19.03 -10.58
CA SER D 60 41.46 -20.24 -10.01
C SER D 60 41.79 -20.16 -8.51
N ARG D 61 41.66 -19.04 -7.85
CA ARG D 61 41.80 -18.98 -6.40
C ARG D 61 40.60 -19.62 -5.70
N PHE D 62 39.50 -19.93 -6.41
CA PHE D 62 38.41 -20.71 -5.85
C PHE D 62 38.72 -22.18 -6.09
N SER D 63 38.65 -23.07 -5.14
CA SER D 63 38.75 -24.51 -5.32
C SER D 63 37.77 -25.22 -4.39
N GLY D 64 37.35 -26.44 -4.76
CA GLY D 64 36.40 -27.22 -3.99
C GLY D 64 36.81 -28.66 -3.78
N SER D 65 36.44 -29.26 -2.67
CA SER D 65 36.77 -30.68 -2.43
C SER D 65 35.73 -31.34 -1.54
N GLY D 66 35.73 -32.68 -1.49
CA GLY D 66 34.79 -33.38 -0.62
C GLY D 66 34.33 -34.70 -1.22
N SER D 67 33.67 -35.51 -0.40
CA SER D 67 33.12 -36.80 -0.73
C SER D 67 32.11 -37.19 0.35
N GLY D 68 31.12 -38.01 -0.03
CA GLY D 68 30.12 -38.49 0.89
C GLY D 68 29.25 -37.35 1.43
N THR D 69 29.36 -37.17 2.72
CA THR D 69 28.60 -36.19 3.49
C THR D 69 29.22 -34.80 3.65
N ASP D 70 30.54 -34.65 3.66
CA ASP D 70 31.15 -33.34 3.87
C ASP D 70 31.96 -32.81 2.68
N TYR D 71 31.77 -31.54 2.34
CA TYR D 71 32.31 -30.83 1.21
C TYR D 71 32.92 -29.50 1.69
N SER D 72 33.80 -28.93 0.90
CA SER D 72 34.45 -27.69 1.29
C SER D 72 34.71 -26.79 0.11
N LEU D 73 34.70 -25.48 0.35
CA LEU D 73 35.06 -24.50 -0.63
C LEU D 73 36.27 -23.69 -0.03
N THR D 74 37.28 -23.56 -0.84
CA THR D 74 38.49 -22.85 -0.44
C THR D 74 38.77 -21.69 -1.36
N ILE D 75 38.88 -20.50 -0.77
CA ILE D 75 39.20 -19.29 -1.51
C ILE D 75 40.62 -18.83 -1.09
N SER D 76 41.58 -18.87 -1.99
CA SER D 76 42.92 -18.40 -1.61
C SER D 76 43.12 -16.99 -2.12
N ASN D 77 44.11 -16.28 -1.60
CA ASN D 77 44.38 -14.93 -2.07
C ASN D 77 43.15 -14.04 -2.09
N LEU D 78 42.42 -14.00 -0.98
CA LEU D 78 41.14 -13.32 -0.89
C LEU D 78 41.21 -11.90 -1.44
N GLU D 79 40.23 -11.56 -2.30
CA GLU D 79 40.18 -10.24 -2.91
C GLU D 79 38.91 -9.54 -2.49
N GLU D 80 38.87 -8.22 -2.66
CA GLU D 80 37.75 -7.44 -2.18
C GLU D 80 36.43 -7.91 -2.79
N GLU D 81 36.41 -8.33 -4.04
CA GLU D 81 35.21 -8.81 -4.70
C GLU D 81 34.67 -10.11 -4.08
N ASP D 82 35.47 -10.84 -3.30
CA ASP D 82 35.02 -12.07 -2.68
C ASP D 82 34.29 -11.87 -1.38
N ILE D 83 34.16 -10.69 -0.85
CA ILE D 83 33.45 -10.37 0.37
C ILE D 83 31.98 -10.45 -0.09
N ALA D 84 31.29 -11.39 0.50
CA ALA D 84 29.95 -11.78 0.09
C ALA D 84 29.37 -12.86 0.98
N PHE D 85 28.16 -13.30 0.58
CA PHE D 85 27.47 -14.38 1.25
C PHE D 85 27.60 -15.64 0.42
N TYR D 86 27.96 -16.79 0.95
CA TYR D 86 28.20 -18.01 0.21
C TYR D 86 27.25 -19.10 0.73
N PHE D 87 26.72 -19.88 -0.18
CA PHE D 87 25.87 -21.01 0.21
C PHE D 87 26.07 -22.15 -0.78
N CYS D 88 25.91 -23.35 -0.29
CA CYS D 88 26.01 -24.56 -1.08
C CYS D 88 24.57 -25.07 -1.39
N GLN D 89 24.55 -25.92 -2.42
CA GLN D 89 23.33 -26.61 -2.79
C GLN D 89 23.64 -28.09 -3.00
N GLN D 90 22.84 -29.02 -2.49
CA GLN D 90 23.09 -30.42 -2.88
C GLN D 90 22.22 -30.65 -4.13
N GLY D 91 22.80 -31.34 -5.08
CA GLY D 91 22.11 -31.62 -6.33
C GLY D 91 21.99 -33.13 -6.49
N GLY D 92 22.09 -33.82 -5.35
CA GLY D 92 22.11 -35.27 -5.36
C GLY D 92 20.77 -35.96 -5.37
N ALA D 93 19.75 -35.30 -4.81
CA ALA D 93 18.42 -35.95 -4.73
C ALA D 93 17.35 -34.90 -4.67
N LEU D 94 16.10 -35.11 -5.12
CA LEU D 94 15.08 -34.08 -4.98
C LEU D 94 14.44 -34.32 -3.62
N PRO D 95 14.02 -33.28 -2.92
CA PRO D 95 14.17 -31.94 -3.41
C PRO D 95 15.58 -31.37 -3.18
N PHE D 96 16.03 -30.53 -4.11
CA PHE D 96 17.38 -29.94 -3.92
C PHE D 96 17.34 -29.07 -2.68
N THR D 97 18.40 -29.10 -1.87
CA THR D 97 18.45 -28.38 -0.61
C THR D 97 19.73 -27.53 -0.53
N PHE D 98 19.62 -26.48 0.21
CA PHE D 98 20.69 -25.49 0.36
C PHE D 98 21.24 -25.45 1.77
N GLY D 99 22.55 -25.12 1.84
CA GLY D 99 23.14 -24.97 3.17
C GLY D 99 22.69 -23.57 3.62
N SER D 100 22.92 -23.33 4.90
CA SER D 100 22.59 -22.20 5.72
C SER D 100 23.28 -20.87 5.40
N GLY D 101 24.43 -20.92 4.74
CA GLY D 101 25.12 -19.70 4.30
C GLY D 101 26.26 -19.33 5.26
N THR D 102 27.25 -18.67 4.72
CA THR D 102 28.41 -18.12 5.42
C THR D 102 28.56 -16.66 5.00
N LYS D 103 28.45 -15.65 5.85
CA LYS D 103 28.69 -14.27 5.53
C LYS D 103 30.20 -14.02 5.67
N LEU D 104 30.87 -13.77 4.57
CA LEU D 104 32.34 -13.54 4.63
C LEU D 104 32.59 -12.06 4.67
N ALA D 105 33.11 -11.48 5.74
CA ALA D 105 33.26 -10.04 5.85
C ALA D 105 34.78 -9.69 6.00
N ILE D 106 35.04 -8.41 6.10
CA ILE D 106 36.42 -7.97 6.22
C ILE D 106 36.87 -7.84 7.66
N LYS D 107 38.11 -8.34 7.91
CA LYS D 107 38.62 -8.20 9.29
C LYS D 107 39.22 -6.82 9.52
N ARG D 108 39.13 -6.31 10.72
CA ARG D 108 39.84 -5.08 11.09
C ARG D 108 40.18 -5.20 12.57
N ALA D 109 40.74 -4.13 13.13
CA ALA D 109 41.07 -4.07 14.54
C ALA D 109 39.75 -3.95 15.33
N ASP D 110 39.82 -4.47 16.55
CA ASP D 110 38.68 -4.37 17.47
C ASP D 110 38.47 -2.90 17.78
N ALA D 111 37.18 -2.52 17.84
CA ALA D 111 36.76 -1.17 18.08
C ALA D 111 35.52 -1.18 18.99
N ALA D 112 35.58 -0.42 20.05
CA ALA D 112 34.52 -0.29 21.05
C ALA D 112 33.36 0.52 20.46
N PRO D 113 32.17 0.10 20.75
CA PRO D 113 30.99 0.85 20.29
C PRO D 113 30.90 2.21 20.94
N THR D 114 30.29 3.17 20.21
CA THR D 114 29.96 4.46 20.80
C THR D 114 28.51 4.34 21.21
N VAL D 115 28.15 4.41 22.47
CA VAL D 115 26.78 4.18 22.90
C VAL D 115 26.12 5.50 23.25
N SER D 116 24.85 5.64 22.84
CA SER D 116 24.11 6.85 23.17
C SER D 116 22.62 6.47 23.37
N ILE D 117 22.02 7.07 24.39
CA ILE D 117 20.62 6.68 24.72
C ILE D 117 19.76 7.94 24.55
N PHE D 118 18.55 7.72 24.04
CA PHE D 118 17.70 8.89 23.83
C PHE D 118 16.34 8.69 24.48
N PRO D 119 15.96 9.63 25.33
CA PRO D 119 14.60 9.62 25.87
C PRO D 119 13.63 9.91 24.73
N PRO D 120 12.35 9.62 24.99
CA PRO D 120 11.30 9.89 24.03
C PRO D 120 11.25 11.36 23.66
N SER D 121 10.98 11.66 22.40
CA SER D 121 10.72 13.04 22.01
C SER D 121 9.41 13.52 22.69
N SER D 122 9.32 14.83 22.87
CA SER D 122 8.08 15.42 23.43
C SER D 122 6.99 15.32 22.36
N GLU D 123 7.34 15.30 21.06
CA GLU D 123 6.32 15.07 20.03
C GLU D 123 5.73 13.68 20.17
N GLN D 124 6.57 12.63 20.35
CA GLN D 124 6.01 11.32 20.56
C GLN D 124 5.15 11.28 21.84
N LEU D 125 5.64 11.90 22.91
CA LEU D 125 4.92 11.87 24.19
C LEU D 125 3.53 12.46 24.11
N THR D 126 3.37 13.52 23.35
CA THR D 126 2.09 14.18 23.09
C THR D 126 1.14 13.23 22.39
N SER D 127 1.68 12.36 21.54
CA SER D 127 0.92 11.37 20.82
C SER D 127 0.53 10.16 21.65
N GLY D 128 1.02 9.99 22.87
CA GLY D 128 0.69 8.86 23.71
C GLY D 128 1.70 7.73 23.73
N GLY D 129 2.78 7.89 22.94
CA GLY D 129 3.79 6.84 22.87
C GLY D 129 5.10 7.26 23.51
N ALA D 130 5.98 6.28 23.75
CA ALA D 130 7.27 6.52 24.38
C ALA D 130 8.24 5.47 23.82
N SER D 131 9.26 5.97 23.10
CA SER D 131 10.22 5.03 22.54
C SER D 131 11.56 5.54 23.11
N VAL D 132 12.31 4.63 23.71
CA VAL D 132 13.64 5.01 24.23
C VAL D 132 14.61 4.40 23.23
N VAL D 133 15.57 5.14 22.61
CA VAL D 133 16.39 4.43 21.64
C VAL D 133 17.86 4.56 22.06
N CYS D 134 18.53 3.47 21.71
CA CYS D 134 19.96 3.38 22.08
C CYS D 134 20.71 3.00 20.83
N PHE D 135 21.72 3.79 20.49
CA PHE D 135 22.58 3.48 19.36
C PHE D 135 23.90 2.90 19.88
N LEU D 136 24.42 1.88 19.26
CA LEU D 136 25.71 1.29 19.69
C LEU D 136 26.51 1.24 18.38
N ASN D 137 27.36 2.25 18.18
CA ASN D 137 27.95 2.48 16.88
C ASN D 137 29.45 2.25 16.66
N ASN D 138 29.72 1.90 15.40
CA ASN D 138 31.10 1.78 14.92
C ASN D 138 31.93 0.82 15.77
N PHE D 139 31.43 -0.42 15.98
CA PHE D 139 32.15 -1.41 16.78
C PHE D 139 32.68 -2.53 15.93
N TYR D 140 33.59 -3.38 16.47
CA TYR D 140 34.19 -4.51 15.78
C TYR D 140 34.74 -5.41 16.87
N PRO D 141 34.48 -6.70 16.85
CA PRO D 141 33.75 -7.40 15.84
C PRO D 141 32.24 -7.24 16.01
N LYS D 142 31.51 -7.97 15.16
CA LYS D 142 30.04 -7.76 15.10
C LYS D 142 29.21 -8.27 16.27
N ASP D 143 29.71 -9.25 17.03
CA ASP D 143 28.92 -9.77 18.14
C ASP D 143 28.86 -8.80 19.29
N ILE D 144 27.65 -8.49 19.73
CA ILE D 144 27.38 -7.52 20.77
C ILE D 144 26.04 -7.89 21.45
N ASN D 145 25.91 -7.56 22.71
CA ASN D 145 24.66 -7.78 23.45
C ASN D 145 24.25 -6.52 24.14
N VAL D 146 22.96 -6.18 24.07
CA VAL D 146 22.35 -5.01 24.62
C VAL D 146 21.26 -5.43 25.63
N LYS D 147 21.27 -4.81 26.78
CA LYS D 147 20.25 -5.08 27.81
C LYS D 147 19.68 -3.72 28.20
N TRP D 148 18.39 -3.66 28.52
CA TRP D 148 17.73 -2.45 28.96
C TRP D 148 17.37 -2.59 30.43
N LYS D 149 17.38 -1.52 31.19
CA LYS D 149 16.99 -1.53 32.58
C LYS D 149 16.09 -0.33 32.80
N ILE D 150 15.04 -0.59 33.56
CA ILE D 150 14.13 0.50 33.95
C ILE D 150 14.27 0.57 35.46
N ASP D 151 14.68 1.68 36.02
CA ASP D 151 14.89 1.76 37.47
C ASP D 151 15.79 0.68 38.06
N GLY D 152 16.77 0.18 37.37
CA GLY D 152 17.69 -0.85 37.77
C GLY D 152 17.21 -2.25 37.46
N SER D 153 16.01 -2.40 36.91
CA SER D 153 15.44 -3.71 36.64
C SER D 153 15.48 -4.07 35.17
N GLU D 154 15.94 -5.28 34.92
CA GLU D 154 16.08 -5.75 33.54
C GLU D 154 14.76 -5.72 32.81
N ARG D 155 14.81 -5.22 31.57
CA ARG D 155 13.61 -5.12 30.75
C ARG D 155 13.77 -5.87 29.44
N GLN D 156 12.91 -6.86 29.23
CA GLN D 156 13.01 -7.61 27.96
C GLN D 156 11.87 -7.40 27.02
N ASN D 157 10.63 -7.18 27.44
CA ASN D 157 9.56 -6.95 26.50
C ASN D 157 9.58 -5.54 25.90
N GLY D 158 9.21 -5.47 24.63
CA GLY D 158 9.10 -4.18 23.95
C GLY D 158 10.37 -3.67 23.28
N VAL D 159 11.37 -4.55 23.18
CA VAL D 159 12.66 -4.10 22.57
C VAL D 159 12.77 -4.47 21.11
N LEU D 160 13.03 -3.51 20.22
CA LEU D 160 13.26 -3.84 18.81
C LEU D 160 14.71 -3.46 18.40
N ASP D 161 15.43 -4.37 17.79
CA ASP D 161 16.82 -4.14 17.41
C ASP D 161 16.98 -4.14 15.90
N SER D 162 18.01 -3.44 15.41
CA SER D 162 18.33 -3.43 14.01
C SER D 162 19.84 -3.24 13.83
N TRP D 163 20.41 -3.95 12.87
CA TRP D 163 21.86 -3.95 12.68
C TRP D 163 22.22 -3.52 11.27
N THR D 164 23.26 -2.74 11.08
CA THR D 164 23.70 -2.35 9.75
C THR D 164 24.61 -3.49 9.27
N ASP D 165 24.82 -3.50 7.97
CA ASP D 165 25.79 -4.35 7.35
C ASP D 165 27.13 -3.66 7.64
N GLN D 166 28.17 -4.45 7.53
CA GLN D 166 29.53 -3.89 7.75
C GLN D 166 29.78 -2.62 6.99
N ASP D 167 30.39 -1.58 7.57
CA ASP D 167 30.64 -0.33 6.90
C ASP D 167 31.67 -0.40 5.76
N SER D 168 31.33 0.18 4.59
CA SER D 168 32.13 0.20 3.42
C SER D 168 33.50 0.86 3.54
N LYS D 169 33.62 1.91 4.33
CA LYS D 169 34.92 2.51 4.50
C LYS D 169 35.62 2.14 5.80
N ASP D 170 34.98 2.00 6.97
CA ASP D 170 35.80 1.70 8.16
C ASP D 170 35.66 0.27 8.65
N SER D 171 34.86 -0.54 7.99
CA SER D 171 34.69 -1.95 8.28
C SER D 171 34.12 -2.21 9.67
N THR D 172 33.39 -1.30 10.31
CA THR D 172 32.73 -1.52 11.56
C THR D 172 31.25 -1.91 11.33
N TYR D 173 30.62 -2.17 12.46
CA TYR D 173 29.22 -2.52 12.56
C TYR D 173 28.55 -1.53 13.52
N SER D 174 27.22 -1.35 13.35
CA SER D 174 26.48 -0.49 14.24
C SER D 174 25.10 -1.14 14.50
N MET D 175 24.48 -0.76 15.58
CA MET D 175 23.21 -1.37 15.97
C MET D 175 22.37 -0.35 16.70
N SER D 176 21.07 -0.53 16.47
CA SER D 176 20.08 0.36 17.07
C SER D 176 19.14 -0.55 17.86
N SER D 177 18.75 -0.10 19.04
CA SER D 177 17.83 -0.86 19.88
C SER D 177 16.81 0.14 20.41
N THR D 178 15.52 -0.15 20.26
CA THR D 178 14.49 0.80 20.67
C THR D 178 13.53 0.10 21.64
N LEU D 179 13.35 0.70 22.78
CA LEU D 179 12.42 0.11 23.73
C LEU D 179 11.13 0.95 23.67
N THR D 180 10.02 0.34 23.35
CA THR D 180 8.76 1.09 23.22
C THR D 180 7.81 0.71 24.35
N LEU D 181 7.32 1.69 25.07
CA LEU D 181 6.52 1.62 26.27
C LEU D 181 5.31 2.54 26.06
N THR D 182 4.27 2.35 26.87
CA THR D 182 3.24 3.39 26.75
C THR D 182 3.81 4.64 27.43
N LYS D 183 3.27 5.80 27.12
CA LYS D 183 3.63 7.03 27.81
C LYS D 183 3.35 6.87 29.30
N ASP D 184 2.23 6.27 29.70
CA ASP D 184 2.00 6.09 31.16
C ASP D 184 3.04 5.15 31.79
N GLU D 185 3.45 4.06 31.18
CA GLU D 185 4.47 3.24 31.88
C GLU D 185 5.78 4.04 31.98
N TYR D 186 6.19 4.65 30.87
CA TYR D 186 7.35 5.52 30.84
C TYR D 186 7.31 6.55 31.96
N GLU D 187 6.15 7.15 32.27
CA GLU D 187 6.07 8.15 33.33
C GLU D 187 5.98 7.57 34.73
N ARG D 188 5.94 6.27 34.86
CA ARG D 188 5.96 5.67 36.20
C ARG D 188 7.35 5.29 36.65
N HIS D 189 8.38 5.50 35.84
CA HIS D 189 9.75 5.14 36.16
C HIS D 189 10.68 6.31 35.90
N ASN D 190 11.80 6.33 36.61
CA ASN D 190 12.75 7.43 36.48
C ASN D 190 13.99 7.14 35.64
N SER D 191 14.66 6.05 35.92
CA SER D 191 15.93 5.73 35.28
C SER D 191 15.84 4.73 34.16
N TYR D 192 16.41 5.05 33.00
CA TYR D 192 16.38 4.21 31.82
C TYR D 192 17.86 3.95 31.46
N THR D 193 18.18 2.70 31.26
CA THR D 193 19.59 2.30 31.07
C THR D 193 19.74 1.37 29.89
N CYS D 194 20.73 1.70 29.05
CA CYS D 194 21.03 0.84 27.91
C CYS D 194 22.47 0.27 28.21
N GLU D 195 22.63 -1.02 28.15
CA GLU D 195 23.90 -1.62 28.54
C GLU D 195 24.40 -2.52 27.40
N ALA D 196 25.65 -2.31 27.03
CA ALA D 196 26.19 -3.18 26.00
C ALA D 196 27.39 -4.00 26.46
N THR D 197 27.34 -5.26 26.06
CA THR D 197 28.45 -6.18 26.33
C THR D 197 29.16 -6.41 25.02
N HIS D 198 30.49 -6.18 24.99
CA HIS D 198 31.23 -6.35 23.75
C HIS D 198 32.64 -6.82 24.15
N LYS D 199 33.29 -7.53 23.27
CA LYS D 199 34.62 -8.05 23.68
C LYS D 199 35.62 -6.94 23.96
N THR D 200 35.48 -5.69 23.51
CA THR D 200 36.38 -4.60 23.75
C THR D 200 36.38 -4.07 25.18
N SER D 201 35.49 -4.59 25.99
CA SER D 201 35.39 -4.15 27.38
C SER D 201 35.12 -5.32 28.27
N THR D 202 35.74 -5.36 29.45
CA THR D 202 35.50 -6.41 30.42
C THR D 202 34.29 -6.10 31.30
N SER D 203 33.78 -4.89 31.26
CA SER D 203 32.54 -4.54 31.99
C SER D 203 31.59 -3.91 30.97
N PRO D 204 30.29 -3.86 31.24
CA PRO D 204 29.34 -3.29 30.30
C PRO D 204 29.50 -1.80 30.08
N ILE D 205 29.25 -1.36 28.84
CA ILE D 205 29.28 0.04 28.49
C ILE D 205 27.84 0.52 28.83
N VAL D 206 27.67 1.39 29.81
CA VAL D 206 26.31 1.79 30.20
C VAL D 206 26.09 3.28 30.05
N LYS D 207 24.91 3.52 29.45
CA LYS D 207 24.40 4.83 29.21
C LYS D 207 22.99 4.91 29.79
N SER D 208 22.74 5.96 30.52
CA SER D 208 21.43 6.07 31.17
C SER D 208 21.04 7.53 31.30
N PHE D 209 19.75 7.75 31.68
CA PHE D 209 19.27 9.06 32.00
C PHE D 209 18.17 8.86 33.08
N ASN D 210 17.87 9.96 33.71
CA ASN D 210 16.79 10.06 34.70
C ASN D 210 15.73 10.97 34.07
N ARG D 211 14.51 10.41 34.05
CA ARG D 211 13.41 11.07 33.41
C ARG D 211 13.20 12.52 33.78
N ASN D 212 13.25 13.05 35.00
CA ASN D 212 12.91 14.49 35.04
C ASN D 212 14.06 15.40 35.40
N GLU D 213 14.75 15.17 36.50
CA GLU D 213 15.86 16.04 36.89
C GLU D 213 16.93 15.97 35.79
N CYS D 214 16.83 16.85 34.78
CA CYS D 214 17.77 16.74 33.67
C CYS D 214 18.78 17.87 33.64
N VAL E 1 -16.08 29.02 22.53
CA VAL E 1 -16.18 28.88 21.12
C VAL E 1 -16.91 27.60 20.72
N VAL E 2 -18.01 27.72 19.93
CA VAL E 2 -18.75 26.52 19.56
C VAL E 2 -19.09 26.52 18.07
N SER E 3 -19.58 25.38 17.57
CA SER E 3 -19.91 25.26 16.15
C SER E 3 -21.31 25.75 15.81
N HIS E 4 -22.21 25.87 16.80
CA HIS E 4 -23.59 26.28 16.44
C HIS E 4 -24.08 27.21 17.55
N PHE E 5 -24.95 28.15 17.21
CA PHE E 5 -25.46 29.15 18.14
C PHE E 5 -26.10 28.57 19.36
N ASN E 6 -26.74 27.42 19.20
CA ASN E 6 -27.44 26.79 20.32
C ASN E 6 -26.62 25.74 21.03
N ASP E 7 -25.30 25.69 20.78
CA ASP E 7 -24.46 24.74 21.47
C ASP E 7 -24.05 25.31 22.84
N VAL F 1 30.31 -33.23 -16.70
CA VAL F 1 30.17 -32.76 -15.34
C VAL F 1 28.98 -31.86 -15.14
N VAL F 2 27.98 -32.16 -14.33
CA VAL F 2 26.84 -31.26 -14.13
C VAL F 2 26.60 -30.96 -12.66
N SER F 3 25.73 -30.01 -12.37
CA SER F 3 25.38 -29.63 -11.02
C SER F 3 24.29 -30.48 -10.37
N HIS F 4 23.48 -31.21 -11.11
CA HIS F 4 22.35 -31.94 -10.51
C HIS F 4 22.28 -33.30 -11.15
N PHE F 5 21.97 -34.36 -10.39
CA PHE F 5 21.90 -35.72 -10.91
C PHE F 5 20.97 -35.87 -12.12
N ASN F 6 19.93 -35.04 -12.25
CA ASN F 6 19.02 -35.21 -13.39
C ASN F 6 19.18 -34.12 -14.45
N ASP F 7 20.37 -33.55 -14.61
CA ASP F 7 20.56 -32.45 -15.57
C ASP F 7 20.96 -32.91 -16.97
#